data_8VSE
#
_entry.id   8VSE
#
_cell.length_a   1.00
_cell.length_b   1.00
_cell.length_c   1.00
_cell.angle_alpha   90.00
_cell.angle_beta   90.00
_cell.angle_gamma   90.00
#
_symmetry.space_group_name_H-M   'P 1'
#
loop_
_entity.id
_entity.type
_entity.pdbx_description
1 polymer 'Receptor-type tyrosine-protein phosphatase C'
2 polymer '45.5kDa protein'
3 branched 2-acetamido-2-deoxy-beta-D-glucopyranose-(1-4)-2-acetamido-2-deoxy-beta-D-glucopyranose
4 branched beta-D-mannopyranose-(1-4)-2-acetamido-2-deoxy-beta-D-glucopyranose-(1-4)-2-acetamido-2-deoxy-beta-D-glucopyranose
5 non-polymer 2-acetamido-2-deoxy-beta-D-glucopyranose
#
loop_
_entity_poly.entity_id
_entity_poly.type
_entity_poly.pdbx_seq_one_letter_code
_entity_poly.pdbx_strand_id
1 'polypeptide(L)'
;QSPTPSPTGLTTAKMPSVPLSSDPLPTHTTAFSPASTFERENDFSETTTSLSPDNTSTQVSPDSLDNASAFNTTGVSSVQ
TPHLPTHADSQTPSAGTDTQTFSGSAANAKLNPTPGSNAISDVPGERSTASTFPTDPVSPLTTTLSLAHHSSAALPARTS
NTTITANTSDAYLNASETTTLSPSGSAVISTTTIATTPSKPTCDEKYANITVDYLYNKETKLFTAKLNVNENVECGNNTC
TNNEVHNLTECKNASVSISHNSCTAPDKTLILDVPPGVEKFQLHDCTQVEKADTTICLKWKNIETFTCDTQNITYRFQCG
NMIFDNKEIKLENLEPEHEYKCDSEILYNNHKFTNASKIIKTDFGSPGEPQIIFCRSEAAHQGVITWNPPQRSFHNFTLC
YIKETEKDCLNLDKNLIKYDLQNLKPYTKYVLSLHAYIIAKVQRNGSAAMCHFTTKSAPPSQVWNMTVSMTSDNSMHVKC
RPPRDRNGPHERYHLEVEAGNTLVRNESHKNCDFRVKDLQYSTDYTFKAYFHNGDYPGEPFILHHSTSYNS
;
A,B
2 'polypeptide(L)'
;GFHTINATWWANITLVGPPDTPVTWYDTQGLWFCNGSRVKNPQIRHTCNDQNLTLIHVNKTYERTYMGYNRQGTKKEDYK
VVVIPPPPATVKPQPEPEYVFVYMGENKTLEGPPGTPVTWFNQDGKKFCEGEKVLHPEFNHTCDKQNLILLFVNFTHDGA
YLGYNHQGTQRTHYEVTVLDLFPDSGQMKIENHSEETEQKNDEHHNWQKQGGQKQGGQKTNQTKVNDRRKTAQKRPSKLK
PATIEAMLVTVTAGSNLTLVGPKAEGKVTWFDGDLKRPCEPNYRLRHECNNQNLTLINVTKDYEGTYYGTNDKDEGKRYR
VKVNTTNSQSVKIQGAPHHHHHH
;
C
#
# COMPACT_ATOMS: atom_id res chain seq x y z
N PRO A 201 -44.95 1.03 -59.66
CA PRO A 201 -44.75 1.70 -60.94
C PRO A 201 -43.28 2.03 -61.22
N THR A 202 -42.72 2.98 -60.47
CA THR A 202 -41.33 3.41 -60.64
C THR A 202 -40.54 3.03 -59.40
N CYS A 203 -39.42 2.34 -59.60
CA CYS A 203 -38.58 1.93 -58.49
C CYS A 203 -37.66 3.04 -57.99
N ASP A 204 -37.53 4.14 -58.74
CA ASP A 204 -36.59 5.19 -58.36
C ASP A 204 -37.00 5.86 -57.05
N GLU A 205 -38.28 6.15 -56.88
CA GLU A 205 -38.75 6.87 -55.70
C GLU A 205 -39.34 5.96 -54.63
N LYS A 206 -39.75 4.75 -54.98
CA LYS A 206 -40.35 3.84 -53.99
C LYS A 206 -39.35 3.45 -52.91
N TYR A 207 -38.11 3.16 -53.31
CA TYR A 207 -37.06 2.75 -52.37
C TYR A 207 -36.10 3.87 -52.04
N ALA A 208 -36.43 5.11 -52.39
CA ALA A 208 -35.56 6.24 -52.06
C ALA A 208 -35.45 6.44 -50.55
N ASN A 209 -36.56 6.23 -49.83
CA ASN A 209 -36.59 6.38 -48.38
C ASN A 209 -36.45 5.04 -47.66
N ILE A 210 -35.68 4.12 -48.22
CA ILE A 210 -35.53 2.80 -47.60
C ILE A 210 -34.58 2.89 -46.41
N THR A 211 -34.67 1.89 -45.54
CA THR A 211 -33.86 1.83 -44.33
C THR A 211 -33.03 0.55 -44.35
N VAL A 212 -31.76 0.68 -43.94
CA VAL A 212 -30.81 -0.43 -43.95
C VAL A 212 -30.36 -0.67 -42.52
N ASP A 213 -30.45 -1.92 -42.07
CA ASP A 213 -29.99 -2.34 -40.75
C ASP A 213 -28.80 -3.28 -40.92
N TYR A 214 -27.75 -3.04 -40.15
CA TYR A 214 -26.51 -3.81 -40.24
C TYR A 214 -26.37 -4.70 -39.01
N LEU A 215 -26.12 -5.98 -39.25
CA LEU A 215 -25.93 -6.97 -38.20
C LEU A 215 -24.53 -7.56 -38.31
N TYR A 216 -23.87 -7.72 -37.17
CA TYR A 216 -22.51 -8.22 -37.12
C TYR A 216 -22.52 -9.69 -36.67
N ASN A 217 -21.90 -10.55 -37.47
CA ASN A 217 -21.82 -11.97 -37.18
C ASN A 217 -20.43 -12.27 -36.64
N LYS A 218 -20.37 -12.84 -35.43
CA LYS A 218 -19.10 -13.12 -34.78
C LYS A 218 -18.41 -14.35 -35.35
N GLU A 219 -19.18 -15.36 -35.77
CA GLU A 219 -18.57 -16.58 -36.31
C GLU A 219 -17.76 -16.27 -37.56
N THR A 220 -18.30 -15.42 -38.44
CA THR A 220 -17.56 -14.94 -39.60
C THR A 220 -17.01 -13.53 -39.41
N LYS A 221 -17.40 -12.85 -38.33
CA LYS A 221 -17.00 -11.47 -38.07
C LYS A 221 -17.32 -10.58 -39.27
N LEU A 222 -18.51 -10.79 -39.84
CA LEU A 222 -18.90 -10.13 -41.08
C LEU A 222 -20.13 -9.27 -40.86
N PHE A 223 -20.47 -8.49 -41.87
CA PHE A 223 -21.59 -7.56 -41.82
C PHE A 223 -22.68 -7.99 -42.78
N THR A 224 -23.92 -8.00 -42.31
CA THR A 224 -25.08 -8.32 -43.13
C THR A 224 -26.02 -7.12 -43.14
N ALA A 225 -26.39 -6.68 -44.34
CA ALA A 225 -27.29 -5.54 -44.51
C ALA A 225 -28.68 -6.05 -44.86
N LYS A 226 -29.69 -5.54 -44.14
CA LYS A 226 -31.07 -5.93 -44.33
C LYS A 226 -31.90 -4.70 -44.65
N LEU A 227 -32.70 -4.78 -45.71
CA LEU A 227 -33.59 -3.70 -46.10
C LEU A 227 -34.92 -3.84 -45.36
N ASN A 228 -35.41 -2.72 -44.84
CA ASN A 228 -36.68 -2.73 -44.09
C ASN A 228 -37.87 -2.57 -45.03
N VAL A 229 -38.01 -3.55 -45.92
CA VAL A 229 -39.11 -3.62 -46.88
C VAL A 229 -39.69 -5.02 -46.84
N ASN A 230 -41.02 -5.12 -46.76
CA ASN A 230 -41.66 -6.43 -46.72
C ASN A 230 -41.49 -7.17 -48.05
N GLU A 231 -41.61 -6.45 -49.17
CA GLU A 231 -41.49 -7.07 -50.47
C GLU A 231 -40.03 -7.44 -50.76
N ASN A 232 -39.86 -8.36 -51.70
CA ASN A 232 -38.54 -8.88 -52.02
C ASN A 232 -37.72 -7.87 -52.82
N VAL A 233 -36.43 -7.80 -52.51
CA VAL A 233 -35.46 -7.05 -53.30
C VAL A 233 -34.64 -8.05 -54.11
N GLU A 234 -34.63 -7.89 -55.44
CA GLU A 234 -33.92 -8.79 -56.33
C GLU A 234 -32.79 -8.04 -57.01
N CYS A 235 -31.64 -8.72 -57.15
CA CYS A 235 -30.44 -8.13 -57.73
C CYS A 235 -29.82 -9.13 -58.70
N GLY A 236 -28.95 -8.63 -59.57
CA GLY A 236 -28.24 -9.49 -60.50
C GLY A 236 -26.75 -9.46 -60.29
N ASN A 237 -26.22 -8.36 -59.75
CA ASN A 237 -24.79 -8.25 -59.53
C ASN A 237 -24.35 -9.01 -58.28
N ASN A 238 -25.06 -8.83 -57.17
CA ASN A 238 -24.72 -9.47 -55.91
C ASN A 238 -25.92 -10.26 -55.39
N THR A 239 -25.61 -11.28 -54.58
CA THR A 239 -26.65 -12.12 -54.00
C THR A 239 -27.39 -11.34 -52.90
N CYS A 240 -28.67 -11.08 -53.12
CA CYS A 240 -29.51 -10.33 -52.19
C CYS A 240 -30.80 -11.08 -51.92
N THR A 241 -30.67 -12.37 -51.62
CA THR A 241 -31.83 -13.23 -51.41
C THR A 241 -32.69 -12.70 -50.27
N ASN A 242 -34.01 -12.81 -50.45
CA ASN A 242 -34.99 -12.25 -49.53
C ASN A 242 -34.79 -10.75 -49.40
N ASN A 243 -34.35 -10.28 -48.23
CA ASN A 243 -34.13 -8.87 -48.00
C ASN A 243 -32.82 -8.62 -47.24
N GLU A 244 -31.84 -9.51 -47.39
CA GLU A 244 -30.58 -9.41 -46.69
C GLU A 244 -29.42 -9.45 -47.67
N VAL A 245 -28.41 -8.62 -47.41
CA VAL A 245 -27.18 -8.59 -48.20
C VAL A 245 -26.03 -8.98 -47.28
N HIS A 246 -25.29 -10.01 -47.66
CA HIS A 246 -24.22 -10.56 -46.83
C HIS A 246 -22.86 -10.20 -47.40
N ASN A 247 -21.82 -10.53 -46.63
CA ASN A 247 -20.43 -10.38 -47.04
C ASN A 247 -20.10 -8.92 -47.37
N LEU A 248 -20.20 -8.07 -46.36
CA LEU A 248 -19.88 -6.66 -46.47
C LEU A 248 -18.74 -6.30 -45.51
N THR A 249 -17.80 -5.51 -46.00
CA THR A 249 -16.63 -5.10 -45.22
C THR A 249 -16.85 -3.69 -44.68
N GLU A 250 -16.41 -3.47 -43.44
CA GLU A 250 -16.58 -2.19 -42.79
C GLU A 250 -15.77 -1.10 -43.46
N CYS A 251 -16.27 0.13 -43.39
CA CYS A 251 -15.60 1.32 -43.92
C CYS A 251 -15.32 1.19 -45.42
N LYS A 252 -16.20 0.52 -46.14
CA LYS A 252 -16.08 0.38 -47.59
C LYS A 252 -17.44 0.60 -48.24
N ASN A 253 -17.45 1.32 -49.34
CA ASN A 253 -18.69 1.64 -50.05
C ASN A 253 -18.99 0.57 -51.09
N ALA A 254 -20.26 0.16 -51.14
CA ALA A 254 -20.70 -0.85 -52.08
C ALA A 254 -21.92 -0.35 -52.85
N SER A 255 -22.01 -0.75 -54.12
CA SER A 255 -23.10 -0.34 -55.01
C SER A 255 -23.96 -1.55 -55.31
N VAL A 256 -25.26 -1.45 -55.04
CA VAL A 256 -26.20 -2.54 -55.26
C VAL A 256 -27.41 -2.01 -56.01
N SER A 257 -27.79 -2.68 -57.10
CA SER A 257 -28.98 -2.30 -57.84
C SER A 257 -30.22 -2.80 -57.12
N ILE A 258 -31.20 -1.93 -56.95
CA ILE A 258 -32.43 -2.25 -56.22
C ILE A 258 -33.60 -2.15 -57.18
N SER A 259 -34.35 -3.25 -57.33
CA SER A 259 -35.50 -3.28 -58.22
C SER A 259 -36.52 -4.26 -57.66
N HIS A 260 -37.76 -4.09 -58.13
CA HIS A 260 -38.87 -4.95 -57.72
C HIS A 260 -39.73 -5.27 -58.94
N ASN A 261 -40.46 -6.38 -58.85
CA ASN A 261 -41.33 -6.78 -59.94
C ASN A 261 -42.52 -5.84 -60.10
N SER A 262 -43.05 -5.32 -58.99
CA SER A 262 -44.21 -4.44 -59.06
C SER A 262 -43.89 -3.14 -59.78
N CYS A 263 -42.74 -2.54 -59.51
CA CYS A 263 -42.34 -1.29 -60.13
C CYS A 263 -41.56 -1.56 -61.41
N THR A 264 -41.90 -0.85 -62.47
CA THR A 264 -41.28 -1.04 -63.77
C THR A 264 -40.06 -0.13 -63.91
N ALA A 265 -39.55 -0.01 -65.14
CA ALA A 265 -38.41 0.85 -65.40
C ALA A 265 -38.78 2.31 -65.13
N PRO A 266 -37.79 3.16 -64.80
CA PRO A 266 -36.34 2.92 -64.70
C PRO A 266 -35.89 2.23 -63.42
N ASP A 267 -34.68 1.68 -63.44
CA ASP A 267 -34.05 1.06 -62.27
C ASP A 267 -33.14 2.06 -61.59
N LYS A 268 -32.60 1.64 -60.43
CA LYS A 268 -31.70 2.50 -59.68
C LYS A 268 -30.74 1.66 -58.85
N THR A 269 -29.65 2.30 -58.43
CA THR A 269 -28.64 1.66 -57.60
C THR A 269 -28.41 2.51 -56.35
N LEU A 270 -28.01 1.85 -55.27
CA LEU A 270 -27.81 2.49 -53.98
C LEU A 270 -26.40 2.18 -53.46
N ILE A 271 -25.83 3.15 -52.75
CA ILE A 271 -24.49 3.07 -52.19
C ILE A 271 -24.59 2.90 -50.68
N LEU A 272 -23.87 1.92 -50.14
CA LEU A 272 -23.96 1.56 -48.74
C LEU A 272 -22.58 1.52 -48.09
N ASP A 273 -22.51 2.01 -46.85
CA ASP A 273 -21.31 1.97 -46.01
C ASP A 273 -21.65 1.30 -44.69
N VAL A 274 -20.64 0.71 -44.06
CA VAL A 274 -20.87 -0.17 -42.90
C VAL A 274 -19.96 0.21 -41.73
N PRO A 275 -20.37 1.14 -40.86
CA PRO A 275 -19.49 1.56 -39.77
C PRO A 275 -19.81 0.97 -38.40
N PRO A 276 -20.74 -0.01 -38.23
CA PRO A 276 -21.14 -0.35 -36.85
C PRO A 276 -20.27 -1.41 -36.17
N GLY A 277 -19.73 -1.09 -34.99
CA GLY A 277 -18.93 -2.05 -34.24
C GLY A 277 -19.59 -2.52 -32.96
N VAL A 278 -19.80 -3.83 -32.82
CA VAL A 278 -20.71 -4.35 -31.80
C VAL A 278 -20.03 -4.75 -30.50
N GLU A 279 -19.14 -5.74 -30.55
CA GLU A 279 -18.80 -6.53 -29.36
C GLU A 279 -17.48 -6.17 -28.71
N LYS A 280 -16.74 -5.19 -29.23
CA LYS A 280 -15.48 -4.84 -28.58
C LYS A 280 -15.67 -4.00 -27.33
N PHE A 281 -16.90 -3.68 -26.96
CA PHE A 281 -17.21 -2.90 -25.77
C PHE A 281 -17.85 -3.81 -24.73
N GLN A 282 -17.35 -3.74 -23.50
CA GLN A 282 -17.86 -4.53 -22.39
C GLN A 282 -18.29 -3.61 -21.25
N LEU A 283 -19.44 -3.93 -20.65
CA LEU A 283 -19.97 -3.13 -19.56
C LEU A 283 -19.34 -3.58 -18.24
N HIS A 284 -18.86 -2.60 -17.46
CA HIS A 284 -18.16 -2.87 -16.22
C HIS A 284 -18.75 -2.03 -15.10
N ASP A 285 -18.75 -2.61 -13.89
CA ASP A 285 -19.25 -1.94 -12.69
C ASP A 285 -18.08 -1.23 -12.03
N CYS A 286 -18.02 0.10 -12.18
CA CYS A 286 -16.97 0.92 -11.60
C CYS A 286 -17.35 1.46 -10.23
N THR A 287 -18.25 0.78 -9.51
CA THR A 287 -18.72 1.27 -8.24
C THR A 287 -17.59 1.35 -7.23
N GLN A 288 -17.51 2.49 -6.53
CA GLN A 288 -16.51 2.65 -5.49
C GLN A 288 -16.89 1.83 -4.26
N VAL A 289 -15.93 1.10 -3.72
CA VAL A 289 -16.21 0.22 -2.58
C VAL A 289 -16.57 1.02 -1.34
N GLU A 290 -15.93 2.18 -1.16
CA GLU A 290 -16.19 2.99 0.03
C GLU A 290 -17.58 3.61 0.04
N LYS A 291 -18.23 3.71 -1.12
CA LYS A 291 -19.58 4.27 -1.22
C LYS A 291 -20.46 3.39 -2.11
N ALA A 292 -20.35 2.07 -1.94
CA ALA A 292 -21.12 1.13 -2.75
C ALA A 292 -22.56 1.00 -2.30
N ASP A 293 -22.93 1.56 -1.15
CA ASP A 293 -24.29 1.40 -0.64
C ASP A 293 -25.29 2.24 -1.41
N THR A 294 -24.90 3.46 -1.81
CA THR A 294 -25.83 4.38 -2.44
C THR A 294 -25.36 4.89 -3.79
N THR A 295 -24.24 4.40 -4.32
CA THR A 295 -23.71 4.88 -5.59
C THR A 295 -23.48 3.70 -6.51
N ILE A 296 -23.96 3.81 -7.75
CA ILE A 296 -23.80 2.78 -8.77
C ILE A 296 -23.10 3.40 -9.97
N CYS A 297 -22.00 2.80 -10.39
CA CYS A 297 -21.20 3.29 -11.50
C CYS A 297 -21.21 2.28 -12.63
N LEU A 298 -21.47 2.75 -13.85
CA LEU A 298 -21.43 1.90 -15.03
C LEU A 298 -20.50 2.52 -16.07
N LYS A 299 -19.59 1.72 -16.61
CA LYS A 299 -18.63 2.20 -17.59
C LYS A 299 -18.53 1.20 -18.73
N TRP A 300 -18.05 1.66 -19.87
CA TRP A 300 -17.81 0.81 -21.03
C TRP A 300 -16.32 0.77 -21.33
N LYS A 301 -15.78 -0.43 -21.47
CA LYS A 301 -14.36 -0.65 -21.75
C LYS A 301 -14.20 -1.27 -23.13
N ASN A 302 -13.28 -0.72 -23.91
CA ASN A 302 -12.99 -1.21 -25.26
C ASN A 302 -11.78 -2.14 -25.21
N ILE A 303 -11.93 -3.32 -25.80
CA ILE A 303 -10.86 -4.32 -25.79
C ILE A 303 -10.21 -4.48 -27.16
N GLU A 304 -10.92 -4.21 -28.25
CA GLU A 304 -10.38 -4.38 -29.59
C GLU A 304 -10.54 -3.08 -30.36
N THR A 305 -9.45 -2.63 -31.00
CA THR A 305 -9.48 -1.41 -31.79
C THR A 305 -10.34 -1.58 -33.03
N PHE A 306 -10.99 -0.50 -33.44
CA PHE A 306 -11.86 -0.49 -34.61
C PHE A 306 -11.57 0.75 -35.45
N THR A 307 -11.85 0.64 -36.75
CA THR A 307 -11.61 1.72 -37.68
C THR A 307 -12.66 2.83 -37.60
N CYS A 308 -13.76 2.59 -36.87
CA CYS A 308 -14.82 3.59 -36.77
C CYS A 308 -14.37 4.78 -35.92
N ASP A 309 -14.86 5.96 -36.29
CA ASP A 309 -14.56 7.18 -35.56
C ASP A 309 -15.51 7.34 -34.38
N THR A 310 -14.99 7.89 -33.28
CA THR A 310 -15.78 8.04 -32.07
C THR A 310 -16.84 9.15 -32.20
N GLN A 311 -16.72 10.02 -33.21
CA GLN A 311 -17.66 11.11 -33.35
C GLN A 311 -19.06 10.64 -33.73
N ASN A 312 -19.19 9.41 -34.23
CA ASN A 312 -20.47 8.86 -34.65
C ASN A 312 -20.94 7.71 -33.76
N ILE A 313 -20.47 7.68 -32.51
CA ILE A 313 -20.86 6.65 -31.55
C ILE A 313 -21.50 7.34 -30.35
N THR A 314 -22.67 6.84 -29.95
CA THR A 314 -23.38 7.38 -28.79
C THR A 314 -23.78 6.25 -27.86
N TYR A 315 -23.91 6.59 -26.58
CA TYR A 315 -24.29 5.63 -25.55
C TYR A 315 -25.58 6.08 -24.90
N ARG A 316 -26.53 5.17 -24.75
CA ARG A 316 -27.80 5.45 -24.10
C ARG A 316 -28.00 4.48 -22.94
N PHE A 317 -28.45 4.99 -21.81
CA PHE A 317 -28.65 4.18 -20.61
C PHE A 317 -30.08 4.33 -20.13
N GLN A 318 -30.75 3.21 -19.91
CA GLN A 318 -32.10 3.18 -19.32
C GLN A 318 -32.00 2.36 -18.05
N CYS A 319 -31.96 3.05 -16.91
CA CYS A 319 -31.91 2.42 -15.59
C CYS A 319 -33.27 2.63 -14.94
N GLY A 320 -34.14 1.62 -15.03
CA GLY A 320 -35.46 1.71 -14.46
C GLY A 320 -36.29 2.84 -15.05
N ASN A 321 -36.51 3.89 -14.26
CA ASN A 321 -37.25 5.06 -14.71
C ASN A 321 -36.33 6.25 -15.00
N MET A 322 -35.04 6.00 -15.25
CA MET A 322 -34.07 7.04 -15.51
C MET A 322 -33.42 6.82 -16.86
N ILE A 323 -33.21 7.92 -17.60
CA ILE A 323 -32.62 7.90 -18.92
C ILE A 323 -31.41 8.81 -18.93
N PHE A 324 -30.28 8.30 -19.44
CA PHE A 324 -29.05 9.07 -19.48
C PHE A 324 -28.37 8.89 -20.82
N ASP A 325 -27.58 9.91 -21.20
CA ASP A 325 -26.83 9.92 -22.46
C ASP A 325 -25.38 10.25 -22.11
N ASN A 326 -24.59 9.23 -21.78
CA ASN A 326 -23.19 9.41 -21.44
C ASN A 326 -22.50 8.05 -21.52
N LYS A 327 -21.20 8.08 -21.82
CA LYS A 327 -20.43 6.84 -21.90
C LYS A 327 -20.35 6.15 -20.54
N GLU A 328 -20.12 6.92 -19.48
CA GLU A 328 -20.04 6.40 -18.13
C GLU A 328 -21.08 7.12 -17.27
N ILE A 329 -21.84 6.35 -16.48
CA ILE A 329 -22.94 6.92 -15.71
C ILE A 329 -22.71 6.65 -14.23
N LYS A 330 -23.18 7.59 -13.41
CA LYS A 330 -23.11 7.52 -11.96
C LYS A 330 -24.50 7.75 -11.38
N LEU A 331 -24.85 6.97 -10.36
CA LEU A 331 -26.11 7.11 -9.66
C LEU A 331 -25.83 7.28 -8.18
N GLU A 332 -26.43 8.31 -7.56
CA GLU A 332 -26.17 8.66 -6.18
C GLU A 332 -27.47 8.65 -5.39
N ASN A 333 -27.36 8.36 -4.09
CA ASN A 333 -28.51 8.25 -3.19
C ASN A 333 -29.48 7.18 -3.66
N LEU A 334 -28.99 5.94 -3.69
CA LEU A 334 -29.80 4.78 -4.03
C LEU A 334 -30.05 3.97 -2.76
N GLU A 335 -31.29 3.54 -2.58
CA GLU A 335 -31.69 2.87 -1.35
C GLU A 335 -30.94 1.55 -1.20
N PRO A 336 -30.37 1.26 -0.03
CA PRO A 336 -29.60 0.03 0.13
C PRO A 336 -30.49 -1.22 0.09
N GLU A 337 -29.84 -2.36 -0.14
CA GLU A 337 -30.49 -3.66 -0.17
C GLU A 337 -31.60 -3.72 -1.22
N HIS A 338 -31.37 -3.07 -2.36
CA HIS A 338 -32.28 -3.13 -3.50
C HIS A 338 -31.49 -3.57 -4.72
N GLU A 339 -31.96 -4.63 -5.37
CA GLU A 339 -31.30 -5.20 -6.54
C GLU A 339 -32.01 -4.68 -7.78
N TYR A 340 -31.33 -3.80 -8.52
CA TYR A 340 -31.90 -3.16 -9.70
C TYR A 340 -31.24 -3.69 -10.96
N LYS A 341 -31.82 -3.34 -12.10
CA LYS A 341 -31.29 -3.71 -13.40
C LYS A 341 -31.31 -2.50 -14.33
N CYS A 342 -30.33 -2.42 -15.21
CA CYS A 342 -30.22 -1.30 -16.14
C CYS A 342 -29.71 -1.79 -17.48
N ASP A 343 -30.20 -1.17 -18.55
CA ASP A 343 -29.82 -1.51 -19.91
C ASP A 343 -28.97 -0.40 -20.51
N SER A 344 -27.98 -0.79 -21.30
CA SER A 344 -27.10 0.16 -21.98
C SER A 344 -26.98 -0.23 -23.44
N GLU A 345 -27.22 0.73 -24.33
CA GLU A 345 -27.15 0.48 -25.76
C GLU A 345 -26.18 1.44 -26.42
N ILE A 346 -25.54 0.95 -27.48
CA ILE A 346 -24.60 1.73 -28.29
C ILE A 346 -25.22 1.98 -29.64
N LEU A 347 -25.28 3.24 -30.04
CA LEU A 347 -25.91 3.66 -31.28
C LEU A 347 -24.88 4.25 -32.23
N TYR A 348 -24.89 3.79 -33.47
CA TYR A 348 -24.07 4.35 -34.53
C TYR A 348 -24.98 4.82 -35.66
N ASN A 349 -24.82 6.08 -36.06
CA ASN A 349 -25.67 6.71 -37.07
C ASN A 349 -27.15 6.62 -36.69
N ASN A 350 -27.42 6.75 -35.39
CA ASN A 350 -28.79 6.73 -34.86
C ASN A 350 -29.50 5.42 -35.20
N HIS A 351 -28.86 4.31 -34.87
CA HIS A 351 -29.47 3.00 -35.05
C HIS A 351 -29.04 2.09 -33.92
N LYS A 352 -29.94 1.20 -33.50
CA LYS A 352 -29.68 0.30 -32.38
C LYS A 352 -29.11 -1.01 -32.91
N PHE A 353 -27.89 -1.33 -32.49
CA PHE A 353 -27.23 -2.57 -32.90
C PHE A 353 -26.55 -3.33 -31.76
N THR A 354 -26.27 -2.68 -30.62
CA THR A 354 -25.67 -3.33 -29.47
C THR A 354 -26.40 -2.91 -28.21
N ASN A 355 -26.81 -3.89 -27.41
CA ASN A 355 -27.47 -3.62 -26.14
C ASN A 355 -27.06 -4.69 -25.12
N ALA A 356 -26.95 -4.27 -23.86
CA ALA A 356 -26.53 -5.17 -22.79
C ALA A 356 -27.22 -4.77 -21.50
N SER A 357 -27.77 -5.76 -20.79
CA SER A 357 -28.42 -5.52 -19.51
C SER A 357 -27.54 -6.01 -18.37
N LYS A 358 -27.55 -5.27 -17.26
CA LYS A 358 -26.74 -5.62 -16.11
C LYS A 358 -27.54 -5.39 -14.83
N ILE A 359 -27.40 -6.33 -13.89
CA ILE A 359 -28.11 -6.30 -12.63
C ILE A 359 -27.10 -6.01 -11.52
N ILE A 360 -27.41 -5.01 -10.69
CA ILE A 360 -26.53 -4.56 -9.63
C ILE A 360 -27.29 -4.54 -8.31
N LYS A 361 -26.67 -5.06 -7.26
CA LYS A 361 -27.23 -5.08 -5.91
C LYS A 361 -26.34 -4.28 -4.97
N THR A 362 -26.95 -3.45 -4.14
CA THR A 362 -26.22 -2.63 -3.20
C THR A 362 -25.73 -3.46 -2.02
N ASP A 363 -24.78 -2.90 -1.27
CA ASP A 363 -24.15 -3.56 -0.14
C ASP A 363 -24.70 -3.03 1.18
N PHE A 364 -24.31 -3.68 2.26
CA PHE A 364 -24.70 -3.26 3.59
C PHE A 364 -23.97 -1.99 3.99
N GLY A 365 -24.57 -1.25 4.92
CA GLY A 365 -23.94 -0.03 5.41
C GLY A 365 -24.78 0.60 6.51
N SER A 366 -24.17 1.57 7.18
CA SER A 366 -24.79 2.37 8.24
C SER A 366 -25.34 1.51 9.37
N PRO A 367 -24.47 0.87 10.16
CA PRO A 367 -24.96 0.10 11.32
C PRO A 367 -25.17 1.00 12.54
N GLY A 368 -25.51 0.40 13.67
CA GLY A 368 -25.66 1.13 14.90
C GLY A 368 -27.03 1.74 15.08
N GLU A 369 -27.15 2.56 16.13
CA GLU A 369 -26.03 2.88 17.00
C GLU A 369 -26.24 2.32 18.42
N PRO A 370 -25.15 1.93 19.07
CA PRO A 370 -25.27 1.48 20.47
C PRO A 370 -25.72 2.59 21.38
N GLN A 371 -26.43 2.21 22.44
CA GLN A 371 -26.93 3.14 23.45
C GLN A 371 -26.26 2.80 24.77
N ILE A 372 -25.25 3.58 25.15
CA ILE A 372 -24.50 3.33 26.38
C ILE A 372 -25.38 3.73 27.56
N ILE A 373 -25.77 2.76 28.37
CA ILE A 373 -26.62 3.05 29.53
C ILE A 373 -25.84 3.86 30.56
N PHE A 374 -24.63 3.43 30.90
CA PHE A 374 -23.82 4.17 31.86
C PHE A 374 -22.40 3.63 31.88
N CYS A 375 -21.43 4.52 32.06
CA CYS A 375 -20.03 4.16 32.26
C CYS A 375 -19.55 4.79 33.55
N ARG A 376 -18.76 4.03 34.32
CA ARG A 376 -18.23 4.54 35.57
C ARG A 376 -17.05 3.67 36.00
N SER A 377 -16.51 3.99 37.17
CA SER A 377 -15.42 3.20 37.75
C SER A 377 -15.39 3.47 39.25
N GLU A 378 -15.75 2.46 40.04
CA GLU A 378 -15.72 2.57 41.49
C GLU A 378 -14.43 2.05 42.11
N ALA A 379 -13.47 1.63 41.29
CA ALA A 379 -12.21 1.11 41.77
C ALA A 379 -11.06 1.89 41.12
N ALA A 380 -9.85 1.67 41.65
CA ALA A 380 -8.68 2.37 41.14
C ALA A 380 -8.33 1.92 39.72
N HIS A 381 -8.53 0.63 39.42
CA HIS A 381 -8.17 0.08 38.12
C HIS A 381 -9.34 -0.57 37.38
N GLN A 382 -10.51 -0.70 38.00
CA GLN A 382 -11.64 -1.39 37.41
C GLN A 382 -12.71 -0.40 37.02
N GLY A 383 -13.19 -0.49 35.79
CA GLY A 383 -14.30 0.32 35.34
C GLY A 383 -15.35 -0.53 34.68
N VAL A 384 -16.61 -0.10 34.81
CA VAL A 384 -17.76 -0.85 34.30
C VAL A 384 -18.48 0.02 33.28
N ILE A 385 -18.73 -0.55 32.10
CA ILE A 385 -19.44 0.11 31.02
C ILE A 385 -20.62 -0.77 30.62
N THR A 386 -21.81 -0.19 30.60
CA THR A 386 -23.04 -0.91 30.28
C THR A 386 -23.78 -0.17 29.18
N TRP A 387 -24.15 -0.91 28.12
CA TRP A 387 -24.84 -0.36 26.96
C TRP A 387 -25.95 -1.32 26.56
N ASN A 388 -26.55 -1.06 25.41
CA ASN A 388 -27.54 -1.92 24.79
C ASN A 388 -27.20 -2.14 23.33
N PRO A 389 -27.53 -3.30 22.78
CA PRO A 389 -27.21 -3.59 21.38
C PRO A 389 -28.12 -2.81 20.45
N PRO A 390 -27.60 -2.31 19.33
CA PRO A 390 -28.45 -1.63 18.36
C PRO A 390 -29.41 -2.58 17.66
N GLN A 391 -30.55 -2.03 17.23
CA GLN A 391 -31.55 -2.84 16.55
C GLN A 391 -31.05 -3.32 15.18
N ARG A 392 -30.39 -2.44 14.44
CA ARG A 392 -29.93 -2.79 13.10
C ARG A 392 -28.77 -3.78 13.17
N SER A 393 -28.58 -4.52 12.08
CA SER A 393 -27.55 -5.54 12.04
C SER A 393 -26.15 -4.93 12.13
N PHE A 394 -25.28 -5.59 12.90
CA PHE A 394 -23.90 -5.19 13.09
C PHE A 394 -23.08 -6.46 13.27
N HIS A 395 -21.76 -6.32 13.41
CA HIS A 395 -20.93 -7.51 13.62
C HIS A 395 -20.24 -7.55 14.98
N ASN A 396 -19.29 -6.65 15.29
CA ASN A 396 -18.48 -6.97 16.47
C ASN A 396 -18.00 -5.74 17.24
N PHE A 397 -18.87 -4.76 17.47
CA PHE A 397 -18.81 -3.90 18.65
C PHE A 397 -17.40 -3.39 18.97
N THR A 398 -16.88 -2.51 18.11
CA THR A 398 -15.57 -1.93 18.37
C THR A 398 -15.66 -0.84 19.43
N LEU A 399 -14.84 -0.98 20.48
CA LEU A 399 -14.84 -0.05 21.60
C LEU A 399 -13.41 0.48 21.82
N CYS A 400 -13.29 1.80 21.98
CA CYS A 400 -12.01 2.45 22.23
C CYS A 400 -12.07 3.23 23.53
N TYR A 401 -10.98 3.20 24.29
CA TYR A 401 -10.85 3.96 25.52
C TYR A 401 -9.61 4.84 25.44
N ILE A 402 -9.76 6.11 25.83
CA ILE A 402 -8.72 7.12 25.71
C ILE A 402 -8.55 7.81 27.05
N LYS A 403 -7.32 7.90 27.52
CA LYS A 403 -6.98 8.69 28.69
C LYS A 403 -6.60 10.10 28.24
N GLU A 404 -5.94 10.85 29.11
CA GLU A 404 -5.54 12.22 28.76
C GLU A 404 -4.62 12.24 27.56
N THR A 405 -3.68 11.30 27.48
CA THR A 405 -2.73 11.25 26.37
C THR A 405 -2.85 9.99 25.54
N GLU A 406 -2.80 8.82 26.17
CA GLU A 406 -2.79 7.56 25.45
C GLU A 406 -4.21 7.15 25.03
N LYS A 407 -4.27 6.23 24.07
CA LYS A 407 -5.53 5.73 23.53
C LYS A 407 -5.36 4.29 23.10
N ASP A 408 -6.42 3.49 23.26
CA ASP A 408 -6.38 2.09 22.86
C ASP A 408 -7.76 1.69 22.35
N CYS A 409 -7.80 0.60 21.60
CA CYS A 409 -9.04 0.09 21.02
C CYS A 409 -9.07 -1.42 21.11
N LEU A 410 -10.27 -1.98 21.01
CA LEU A 410 -10.48 -3.42 21.02
C LEU A 410 -11.85 -3.70 20.42
N ASN A 411 -12.19 -4.98 20.31
CA ASN A 411 -13.48 -5.41 19.77
C ASN A 411 -14.15 -6.35 20.76
N LEU A 412 -15.48 -6.31 20.78
CA LEU A 412 -16.27 -7.15 21.68
C LEU A 412 -17.30 -7.93 20.87
N ASP A 413 -17.74 -9.04 21.46
CA ASP A 413 -18.72 -9.89 20.80
C ASP A 413 -20.08 -9.19 20.73
N LYS A 414 -20.93 -9.68 19.83
CA LYS A 414 -22.24 -9.09 19.62
C LYS A 414 -23.24 -9.47 20.70
N ASN A 415 -22.89 -10.38 21.61
CA ASN A 415 -23.83 -10.87 22.61
C ASN A 415 -23.73 -10.10 23.93
N LEU A 416 -22.51 -10.00 24.49
CA LEU A 416 -22.35 -9.36 25.79
C LEU A 416 -22.63 -7.87 25.70
N ILE A 417 -23.24 -7.33 26.76
CA ILE A 417 -23.58 -5.92 26.81
C ILE A 417 -22.91 -5.19 27.96
N LYS A 418 -22.35 -5.89 28.94
CA LYS A 418 -21.63 -5.28 30.05
C LYS A 418 -20.16 -5.64 29.95
N TYR A 419 -19.29 -4.64 30.06
CA TYR A 419 -17.85 -4.87 29.95
C TYR A 419 -17.13 -4.21 31.12
N ASP A 420 -15.98 -4.78 31.46
CA ASP A 420 -15.15 -4.28 32.55
C ASP A 420 -13.74 -4.04 32.02
N LEU A 421 -13.20 -2.86 32.33
CA LEU A 421 -11.84 -2.49 31.95
C LEU A 421 -10.93 -2.57 33.16
N GLN A 422 -9.80 -3.24 33.00
CA GLN A 422 -8.78 -3.39 34.03
C GLN A 422 -7.57 -2.53 33.70
N ASN A 423 -6.56 -2.62 34.56
CA ASN A 423 -5.28 -1.90 34.43
C ASN A 423 -5.49 -0.45 34.00
N LEU A 424 -6.24 0.28 34.81
CA LEU A 424 -6.54 1.68 34.57
C LEU A 424 -5.79 2.54 35.57
N LYS A 425 -5.27 3.68 35.10
CA LYS A 425 -4.53 4.58 35.97
C LYS A 425 -5.46 5.18 37.01
N PRO A 426 -5.14 5.10 38.29
CA PRO A 426 -6.02 5.67 39.31
C PRO A 426 -6.10 7.17 39.20
N TYR A 427 -7.28 7.70 39.55
CA TYR A 427 -7.55 9.15 39.53
C TYR A 427 -7.23 9.75 38.17
N THR A 428 -7.59 9.03 37.11
CA THR A 428 -7.36 9.47 35.74
C THR A 428 -8.67 9.41 34.97
N LYS A 429 -8.99 10.49 34.26
CA LYS A 429 -10.21 10.55 33.48
C LYS A 429 -10.06 9.73 32.21
N TYR A 430 -11.14 9.03 31.84
CA TYR A 430 -11.16 8.19 30.65
C TYR A 430 -12.43 8.47 29.87
N VAL A 431 -12.31 8.43 28.54
CA VAL A 431 -13.43 8.60 27.62
C VAL A 431 -13.50 7.36 26.73
N LEU A 432 -14.68 6.75 26.65
CA LEU A 432 -14.88 5.53 25.87
C LEU A 432 -15.89 5.79 24.76
N SER A 433 -15.54 5.38 23.56
CA SER A 433 -16.40 5.47 22.38
C SER A 433 -16.65 4.06 21.87
N LEU A 434 -17.92 3.67 21.78
CA LEU A 434 -18.31 2.34 21.33
C LEU A 434 -19.18 2.46 20.09
N HIS A 435 -18.86 1.70 19.05
CA HIS A 435 -19.65 1.69 17.83
C HIS A 435 -19.75 0.27 17.30
N ALA A 436 -20.96 -0.10 16.90
CA ALA A 436 -21.21 -1.44 16.35
C ALA A 436 -20.84 -1.46 14.88
N TYR A 437 -19.83 -2.24 14.52
CA TYR A 437 -19.31 -2.27 13.16
C TYR A 437 -19.64 -3.59 12.49
N ILE A 438 -19.95 -3.50 11.19
CA ILE A 438 -20.23 -4.64 10.33
C ILE A 438 -19.11 -4.74 9.31
N ILE A 439 -18.87 -5.97 8.83
CA ILE A 439 -17.78 -6.23 7.89
C ILE A 439 -18.33 -6.55 6.51
N ALA A 440 -18.43 -5.52 5.68
CA ALA A 440 -18.71 -5.68 4.26
C ALA A 440 -17.38 -5.77 3.52
N LYS A 441 -17.42 -5.63 2.19
CA LYS A 441 -16.16 -5.49 1.45
C LYS A 441 -15.35 -4.32 1.97
N VAL A 442 -16.02 -3.29 2.48
CA VAL A 442 -15.40 -2.23 3.25
C VAL A 442 -16.12 -2.17 4.59
N GLN A 443 -15.34 -2.22 5.68
CA GLN A 443 -15.92 -2.27 7.01
C GLN A 443 -16.69 -1.00 7.31
N ARG A 444 -17.96 -1.15 7.67
CA ARG A 444 -18.82 -0.01 7.99
C ARG A 444 -18.96 0.09 9.51
N ASN A 445 -18.57 1.24 10.05
CA ASN A 445 -18.47 1.40 11.50
C ASN A 445 -19.73 1.97 12.12
N GLY A 446 -20.35 2.97 11.49
CA GLY A 446 -21.55 3.56 12.03
C GLY A 446 -21.25 4.61 13.11
N SER A 447 -22.32 5.26 13.56
CA SER A 447 -22.20 6.23 14.63
C SER A 447 -21.72 5.58 15.92
N ALA A 448 -21.07 6.37 16.77
CA ALA A 448 -20.48 5.89 18.00
C ALA A 448 -21.06 6.63 19.19
N ALA A 449 -21.31 5.88 20.27
CA ALA A 449 -21.79 6.45 21.53
C ALA A 449 -20.59 6.67 22.44
N MET A 450 -20.54 7.84 23.07
CA MET A 450 -19.39 8.23 23.88
C MET A 450 -19.82 8.46 25.33
N CYS A 451 -18.91 8.14 26.25
CA CYS A 451 -19.16 8.30 27.68
C CYS A 451 -17.81 8.57 28.34
N HIS A 452 -17.88 9.08 29.58
CA HIS A 452 -16.66 9.44 30.31
C HIS A 452 -16.81 9.12 31.77
N PHE A 453 -15.68 8.82 32.42
CA PHE A 453 -15.68 8.59 33.86
C PHE A 453 -14.28 8.80 34.42
N THR A 454 -14.23 9.11 35.72
CA THR A 454 -12.98 9.31 36.42
C THR A 454 -12.82 8.22 37.48
N THR A 455 -11.65 7.60 37.51
CA THR A 455 -11.39 6.52 38.45
C THR A 455 -11.21 7.06 39.87
N LYS A 456 -11.45 6.20 40.84
CA LYS A 456 -11.34 6.57 42.24
C LYS A 456 -9.88 6.73 42.64
N SER A 457 -9.66 7.43 43.75
CA SER A 457 -8.31 7.71 44.22
C SER A 457 -7.65 6.43 44.74
N ALA A 458 -6.33 6.48 44.82
CA ALA A 458 -5.52 5.35 45.27
C ALA A 458 -4.21 5.90 45.82
N PRO A 459 -3.51 5.11 46.64
CA PRO A 459 -2.21 5.58 47.16
C PRO A 459 -1.24 5.86 46.03
N PRO A 460 -0.47 6.94 46.13
CA PRO A 460 0.45 7.32 45.06
C PRO A 460 1.70 6.45 45.07
N SER A 461 2.63 6.77 44.19
CA SER A 461 3.89 6.07 44.09
C SER A 461 4.92 6.72 45.01
N GLN A 462 6.17 6.25 44.95
CA GLN A 462 7.22 6.80 45.78
C GLN A 462 7.59 8.21 45.33
N VAL A 463 8.08 9.00 46.29
CA VAL A 463 8.54 10.35 45.96
C VAL A 463 9.80 10.28 45.12
N TRP A 464 9.97 11.25 44.22
CA TRP A 464 11.06 11.26 43.26
C TRP A 464 12.09 12.31 43.63
N ASN A 465 13.34 12.04 43.26
CA ASN A 465 14.45 12.97 43.42
C ASN A 465 14.67 13.32 44.90
N MET A 466 14.80 12.29 45.73
CA MET A 466 15.06 12.47 47.15
C MET A 466 16.49 12.93 47.33
N THR A 467 16.68 14.23 47.55
CA THR A 467 18.01 14.82 47.71
C THR A 467 18.17 15.36 49.12
N VAL A 468 19.25 14.95 49.78
CA VAL A 468 19.57 15.36 51.14
C VAL A 468 20.96 15.99 51.13
N SER A 469 21.09 17.16 51.74
CA SER A 469 22.35 17.88 51.79
C SER A 469 22.64 18.31 53.23
N MET A 470 23.93 18.45 53.53
CA MET A 470 24.40 18.83 54.86
C MET A 470 24.87 20.27 54.84
N THR A 471 24.38 21.07 55.79
CA THR A 471 24.74 22.47 55.90
C THR A 471 25.41 22.80 57.22
N SER A 472 24.90 22.31 58.34
CA SER A 472 25.45 22.63 59.64
C SER A 472 25.77 21.37 60.43
N ASP A 473 26.06 21.52 61.73
CA ASP A 473 26.47 20.39 62.55
C ASP A 473 25.40 19.31 62.60
N ASN A 474 24.13 19.72 62.78
CA ASN A 474 23.03 18.77 62.86
C ASN A 474 21.85 19.17 61.99
N SER A 475 22.05 20.10 61.05
CA SER A 475 20.98 20.56 60.18
C SER A 475 21.16 19.95 58.80
N MET A 476 20.13 19.27 58.32
CA MET A 476 20.12 18.66 56.99
C MET A 476 18.93 19.21 56.21
N HIS A 477 19.14 19.49 54.94
CA HIS A 477 18.10 20.00 54.05
C HIS A 477 17.68 18.87 53.12
N VAL A 478 16.40 18.52 53.15
CA VAL A 478 15.85 17.43 52.34
C VAL A 478 14.81 18.01 51.40
N LYS A 479 15.00 17.80 50.11
CA LYS A 479 14.05 18.27 49.11
C LYS A 479 13.83 17.18 48.07
N CYS A 480 12.66 17.21 47.45
CA CYS A 480 12.29 16.18 46.48
C CYS A 480 11.27 16.74 45.51
N ARG A 481 11.12 16.04 44.37
CA ARG A 481 10.16 16.33 43.32
C ARG A 481 8.85 15.60 43.58
N PRO A 482 7.73 16.14 43.09
CA PRO A 482 6.46 15.45 43.25
C PRO A 482 6.48 14.10 42.56
N PRO A 483 5.74 13.12 43.07
CA PRO A 483 5.70 11.81 42.42
C PRO A 483 5.05 11.89 41.04
N ARG A 484 5.42 10.95 40.18
CA ARG A 484 4.91 10.93 38.82
C ARG A 484 3.39 10.78 38.80
N ASP A 485 2.86 9.89 39.64
CA ASP A 485 1.41 9.66 39.72
C ASP A 485 0.89 10.32 41.00
N ARG A 486 0.19 11.43 40.85
CA ARG A 486 -0.37 12.12 42.01
C ARG A 486 -1.42 11.26 42.70
N ASN A 487 -2.40 10.78 41.93
CA ASN A 487 -3.48 9.93 42.44
C ASN A 487 -4.24 10.61 43.58
N GLY A 488 -4.29 11.94 43.57
CA GLY A 488 -4.98 12.68 44.60
C GLY A 488 -5.12 14.15 44.27
N PRO A 489 -6.11 14.81 44.86
CA PRO A 489 -6.33 16.23 44.58
C PRO A 489 -5.37 17.15 45.32
N HIS A 490 -4.97 16.78 46.53
CA HIS A 490 -4.15 17.61 47.38
C HIS A 490 -2.68 17.20 47.29
N GLU A 491 -1.82 18.10 47.78
CA GLU A 491 -0.38 17.90 47.78
C GLU A 491 0.15 18.04 49.19
N ARG A 492 0.93 17.07 49.64
CA ARG A 492 1.48 17.09 50.98
C ARG A 492 2.63 16.10 51.07
N TYR A 493 3.68 16.49 51.80
CA TYR A 493 4.85 15.66 52.01
C TYR A 493 5.11 15.53 53.51
N HIS A 494 5.32 14.31 53.98
CA HIS A 494 5.60 14.05 55.38
C HIS A 494 6.97 13.41 55.50
N LEU A 495 7.84 14.00 56.32
CA LEU A 495 9.19 13.49 56.56
C LEU A 495 9.33 13.16 58.04
N GLU A 496 9.79 11.94 58.32
CA GLU A 496 10.01 11.49 59.68
C GLU A 496 11.48 11.12 59.87
N VAL A 497 12.03 11.57 60.99
CA VAL A 497 13.42 11.31 61.37
C VAL A 497 13.42 10.33 62.53
N GLU A 498 14.17 9.24 62.38
CA GLU A 498 14.23 8.18 63.38
C GLU A 498 15.68 7.85 63.71
N ALA A 499 15.87 7.32 64.91
CA ALA A 499 17.19 6.88 65.38
C ALA A 499 17.03 5.53 66.05
N GLY A 500 17.72 4.52 65.53
CA GLY A 500 17.60 3.18 66.08
C GLY A 500 16.21 2.60 65.97
N ASN A 501 15.57 2.77 64.81
CA ASN A 501 14.20 2.28 64.56
C ASN A 501 13.23 2.84 65.58
N THR A 502 13.39 4.10 65.95
CA THR A 502 12.52 4.79 66.90
C THR A 502 12.17 6.16 66.35
N LEU A 503 10.89 6.40 66.13
CA LEU A 503 10.43 7.68 65.61
C LEU A 503 10.66 8.78 66.64
N VAL A 504 11.41 9.81 66.26
CA VAL A 504 11.72 10.90 67.19
C VAL A 504 11.29 12.25 66.62
N ARG A 505 11.23 12.37 65.30
CA ARG A 505 10.83 13.63 64.68
C ARG A 505 9.85 13.36 63.55
N ASN A 506 8.88 14.25 63.38
CA ASN A 506 7.89 14.12 62.32
C ASN A 506 7.42 15.51 61.90
N GLU A 507 7.57 15.82 60.61
CA GLU A 507 7.15 17.11 60.07
C GLU A 507 6.37 16.89 58.78
N SER A 508 5.51 17.86 58.47
CA SER A 508 4.71 17.82 57.25
C SER A 508 4.71 19.21 56.62
N HIS A 509 4.77 19.23 55.29
CA HIS A 509 4.75 20.50 54.55
C HIS A 509 4.18 20.27 53.17
N LYS A 510 3.49 21.29 52.66
CA LYS A 510 2.90 21.20 51.32
C LYS A 510 3.96 21.14 50.23
N ASN A 511 5.18 21.59 50.51
CA ASN A 511 6.29 21.50 49.58
C ASN A 511 7.38 20.62 50.17
N CYS A 512 8.14 19.97 49.29
CA CYS A 512 9.20 19.06 49.73
C CYS A 512 10.46 19.89 50.00
N ASP A 513 10.49 20.51 51.17
CA ASP A 513 11.67 21.24 51.64
C ASP A 513 11.64 21.21 53.16
N PHE A 514 12.43 20.33 53.76
CA PHE A 514 12.45 20.12 55.19
C PHE A 514 13.84 20.37 55.75
N ARG A 515 13.90 21.01 56.91
CA ARG A 515 15.13 21.28 57.62
C ARG A 515 15.14 20.48 58.92
N VAL A 516 16.24 19.77 59.17
CA VAL A 516 16.40 18.95 60.37
C VAL A 516 17.52 19.55 61.21
N LYS A 517 17.27 19.71 62.50
CA LYS A 517 18.24 20.32 63.40
C LYS A 517 18.07 19.73 64.80
N ASP A 518 18.97 20.13 65.70
CA ASP A 518 18.95 19.69 67.10
C ASP A 518 19.08 18.16 67.18
N LEU A 519 20.21 17.66 66.70
CA LEU A 519 20.50 16.24 66.71
C LEU A 519 21.88 15.99 67.29
N GLN A 520 22.09 14.77 67.78
CA GLN A 520 23.36 14.40 68.38
C GLN A 520 24.47 14.35 67.33
N TYR A 521 25.69 14.57 67.79
CA TYR A 521 26.83 14.66 66.88
C TYR A 521 27.24 13.27 66.38
N SER A 522 27.44 13.17 65.06
CA SER A 522 27.88 11.94 64.40
C SER A 522 26.95 10.77 64.74
N THR A 523 25.68 10.94 64.39
CA THR A 523 24.66 9.93 64.63
C THR A 523 23.98 9.60 63.31
N ASP A 524 23.82 8.30 63.05
CA ASP A 524 23.25 7.82 61.79
C ASP A 524 21.73 7.80 61.92
N TYR A 525 21.10 8.91 61.56
CA TYR A 525 19.65 8.99 61.56
C TYR A 525 19.09 8.45 60.25
N THR A 526 17.80 8.14 60.27
CA THR A 526 17.07 7.66 59.10
C THR A 526 15.96 8.65 58.77
N PHE A 527 15.91 9.08 57.51
CA PHE A 527 14.89 9.99 57.02
C PHE A 527 13.94 9.22 56.12
N LYS A 528 12.66 9.19 56.47
CA LYS A 528 11.64 8.54 55.66
C LYS A 528 10.65 9.60 55.18
N ALA A 529 10.59 9.81 53.88
CA ALA A 529 9.71 10.80 53.28
C ALA A 529 8.65 10.10 52.45
N TYR A 530 7.39 10.47 52.69
CA TYR A 530 6.27 9.88 51.96
C TYR A 530 5.28 10.97 51.58
N PHE A 531 4.36 10.61 50.68
CA PHE A 531 3.39 11.52 50.11
C PHE A 531 2.00 11.16 50.59
N HIS A 532 1.24 12.16 51.06
CA HIS A 532 -0.12 11.97 51.53
C HIS A 532 -1.04 12.83 50.68
N ASN A 533 -1.67 12.21 49.68
CA ASN A 533 -2.57 12.94 48.80
C ASN A 533 -3.82 13.42 49.51
N GLY A 534 -4.12 12.88 50.69
CA GLY A 534 -5.30 13.29 51.43
C GLY A 534 -6.13 12.12 51.93
N ASP A 535 -6.16 11.04 51.16
CA ASP A 535 -6.94 9.86 51.49
C ASP A 535 -6.05 8.65 51.79
N TYR A 536 -5.18 8.27 50.86
CA TYR A 536 -4.32 7.10 51.02
C TYR A 536 -2.86 7.50 50.93
N PRO A 537 -2.13 7.53 52.04
CA PRO A 537 -0.70 7.86 51.96
C PRO A 537 0.08 6.84 51.15
N GLY A 538 1.09 7.33 50.43
CA GLY A 538 1.91 6.46 49.62
C GLY A 538 3.00 5.77 50.43
N GLU A 539 3.67 4.82 49.78
CA GLU A 539 4.75 4.10 50.45
C GLU A 539 5.95 5.02 50.66
N PRO A 540 6.58 4.97 51.84
CA PRO A 540 7.67 5.89 52.13
C PRO A 540 8.96 5.51 51.42
N PHE A 541 9.83 6.51 51.28
CA PHE A 541 11.18 6.32 50.77
C PHE A 541 12.16 6.65 51.89
N ILE A 542 13.08 5.73 52.18
CA ILE A 542 13.92 5.79 53.36
C ILE A 542 15.37 5.94 52.93
N LEU A 543 16.08 6.86 53.59
CA LEU A 543 17.50 7.07 53.40
C LEU A 543 18.18 7.19 54.76
N HIS A 544 19.49 7.00 54.77
CA HIS A 544 20.30 7.07 55.99
C HIS A 544 21.30 8.20 55.86
N HIS A 545 21.44 9.02 56.91
CA HIS A 545 22.38 10.13 56.87
C HIS A 545 22.97 10.36 58.25
N SER A 546 24.24 10.75 58.27
CA SER A 546 24.96 11.03 59.50
C SER A 546 25.11 12.54 59.70
N THR A 547 25.33 12.91 60.95
CA THR A 547 25.44 14.30 61.36
C THR A 547 26.90 14.74 61.40
N SER A 548 27.14 15.94 61.91
CA SER A 548 28.47 16.49 62.15
C SER A 548 28.62 16.73 63.65
N TYR A 549 29.73 17.35 64.05
CA TYR A 549 30.08 17.37 65.46
C TYR A 549 30.19 18.80 65.94
N ASN A 550 30.47 18.94 67.24
CA ASN A 550 30.62 20.22 67.89
C ASN A 550 32.07 20.66 67.81
N SER A 551 32.29 21.87 67.34
CA SER A 551 33.61 22.48 67.31
C SER A 551 34.38 22.24 68.61
N PRO B 201 21.67 5.67 -95.18
CA PRO B 201 22.79 6.62 -95.18
C PRO B 201 24.12 5.95 -94.83
N THR B 202 25.08 6.74 -94.35
CA THR B 202 26.38 6.20 -94.00
C THR B 202 26.29 5.39 -92.71
N CYS B 203 27.23 4.46 -92.54
CA CYS B 203 27.26 3.63 -91.34
C CYS B 203 27.56 4.46 -90.10
N ASP B 204 28.39 5.51 -90.24
CA ASP B 204 28.71 6.36 -89.09
C ASP B 204 27.47 7.05 -88.56
N GLU B 205 26.63 7.60 -89.44
CA GLU B 205 25.42 8.27 -89.00
C GLU B 205 24.36 7.29 -88.51
N LYS B 206 24.24 6.14 -89.20
CA LYS B 206 23.23 5.16 -88.83
C LYS B 206 23.50 4.57 -87.44
N TYR B 207 24.76 4.28 -87.13
CA TYR B 207 25.14 3.67 -85.86
C TYR B 207 25.78 4.67 -84.90
N ALA B 208 25.48 5.96 -85.06
CA ALA B 208 26.05 6.96 -84.16
C ALA B 208 25.54 6.78 -82.73
N ASN B 209 24.25 6.46 -82.58
CA ASN B 209 23.62 6.32 -81.26
C ASN B 209 23.47 4.86 -80.84
N ILE B 210 24.41 4.00 -81.24
CA ILE B 210 24.35 2.59 -80.87
C ILE B 210 24.70 2.44 -79.40
N THR B 211 24.07 1.46 -78.75
CA THR B 211 24.27 1.19 -77.34
C THR B 211 24.91 -0.17 -77.15
N VAL B 212 25.69 -0.31 -76.08
CA VAL B 212 26.48 -1.49 -75.79
C VAL B 212 26.16 -1.97 -74.39
N ASP B 213 25.92 -3.28 -74.24
CA ASP B 213 25.67 -3.91 -72.95
C ASP B 213 26.84 -4.82 -72.60
N TYR B 214 27.32 -4.72 -71.37
CA TYR B 214 28.49 -5.46 -70.92
C TYR B 214 28.07 -6.56 -69.94
N LEU B 215 28.55 -7.77 -70.17
CA LEU B 215 28.30 -8.91 -69.29
C LEU B 215 29.62 -9.43 -68.76
N TYR B 216 29.69 -9.62 -67.44
CA TYR B 216 30.92 -10.04 -66.78
C TYR B 216 30.94 -11.56 -66.59
N ASN B 217 32.12 -12.15 -66.77
CA ASN B 217 32.32 -13.58 -66.58
C ASN B 217 33.42 -13.77 -65.54
N LYS B 218 33.08 -14.45 -64.44
CA LYS B 218 34.03 -14.69 -63.36
C LYS B 218 35.02 -15.79 -63.69
N GLU B 219 34.61 -16.78 -64.49
CA GLU B 219 35.51 -17.86 -64.84
C GLU B 219 36.73 -17.35 -65.60
N THR B 220 36.52 -16.44 -66.54
CA THR B 220 37.61 -15.76 -67.23
C THR B 220 37.84 -14.34 -66.72
N LYS B 221 36.95 -13.82 -65.87
CA LYS B 221 37.03 -12.46 -65.36
C LYS B 221 37.11 -11.45 -66.50
N LEU B 222 36.25 -11.65 -67.48
CA LEU B 222 36.29 -10.84 -68.71
C LEU B 222 34.91 -10.26 -69.00
N PHE B 223 34.90 -9.13 -69.71
CA PHE B 223 33.67 -8.45 -70.09
C PHE B 223 33.38 -8.69 -71.57
N THR B 224 32.16 -9.13 -71.85
CA THR B 224 31.69 -9.32 -73.22
C THR B 224 30.73 -8.19 -73.56
N ALA B 225 30.99 -7.52 -74.68
CA ALA B 225 30.21 -6.37 -75.11
C ALA B 225 29.28 -6.77 -76.26
N LYS B 226 28.00 -6.47 -76.11
CA LYS B 226 26.99 -6.79 -77.11
C LYS B 226 26.33 -5.52 -77.59
N LEU B 227 26.27 -5.34 -78.90
CA LEU B 227 25.60 -4.19 -79.50
C LEU B 227 24.09 -4.42 -79.50
N ASN B 228 23.34 -3.37 -79.15
CA ASN B 228 21.88 -3.47 -79.10
C ASN B 228 21.30 -3.17 -80.49
N VAL B 229 21.60 -4.08 -81.42
CA VAL B 229 21.10 -4.00 -82.79
C VAL B 229 20.55 -5.36 -83.18
N ASN B 230 19.64 -5.35 -84.15
CA ASN B 230 19.03 -6.58 -84.65
C ASN B 230 19.76 -7.13 -85.87
N GLU B 231 20.12 -6.28 -86.82
CA GLU B 231 20.81 -6.74 -88.01
C GLU B 231 22.25 -7.14 -87.68
N ASN B 232 22.76 -8.12 -88.42
CA ASN B 232 24.12 -8.59 -88.21
C ASN B 232 25.12 -7.58 -88.76
N VAL B 233 26.15 -7.28 -87.97
CA VAL B 233 27.19 -6.33 -88.34
C VAL B 233 28.53 -7.06 -88.37
N GLU B 234 29.31 -6.80 -89.40
CA GLU B 234 30.61 -7.42 -89.59
C GLU B 234 31.71 -6.38 -89.46
N CYS B 235 32.84 -6.79 -88.88
CA CYS B 235 33.96 -5.91 -88.63
C CYS B 235 35.18 -6.38 -89.41
N GLY B 236 36.02 -5.42 -89.81
CA GLY B 236 37.16 -5.71 -90.65
C GLY B 236 38.25 -6.54 -90.00
N ASN B 237 38.89 -5.99 -88.97
CA ASN B 237 40.03 -6.64 -88.36
C ASN B 237 39.60 -7.66 -87.31
N ASN B 238 38.89 -7.20 -86.28
CA ASN B 238 38.47 -8.07 -85.19
C ASN B 238 37.17 -8.79 -85.54
N THR B 239 37.12 -10.08 -85.21
CA THR B 239 35.93 -10.86 -85.46
C THR B 239 34.81 -10.45 -84.50
N CYS B 240 33.64 -10.12 -85.06
CA CYS B 240 32.50 -9.64 -84.30
C CYS B 240 31.23 -10.34 -84.74
N THR B 241 31.29 -11.66 -84.81
CA THR B 241 30.14 -12.45 -85.26
C THR B 241 28.91 -12.17 -84.39
N ASN B 242 27.75 -12.18 -85.02
CA ASN B 242 26.49 -11.80 -84.40
C ASN B 242 26.57 -10.36 -83.90
N ASN B 243 26.51 -10.17 -82.58
CA ASN B 243 26.60 -8.83 -82.01
C ASN B 243 27.47 -8.75 -80.76
N GLU B 244 28.14 -9.83 -80.36
CA GLU B 244 28.90 -9.88 -79.12
C GLU B 244 30.39 -9.95 -79.42
N VAL B 245 31.19 -9.23 -78.63
CA VAL B 245 32.64 -9.25 -78.73
C VAL B 245 33.19 -9.70 -77.38
N HIS B 246 34.05 -10.71 -77.42
CA HIS B 246 34.62 -11.31 -76.22
C HIS B 246 36.08 -10.90 -76.05
N ASN B 247 36.67 -11.31 -74.94
CA ASN B 247 38.09 -11.09 -74.64
C ASN B 247 38.43 -9.60 -74.63
N LEU B 248 37.81 -8.88 -73.70
CA LEU B 248 38.06 -7.45 -73.51
C LEU B 248 38.70 -7.22 -72.16
N THR B 249 39.82 -6.51 -72.16
CA THR B 249 40.54 -6.23 -70.93
C THR B 249 39.94 -5.03 -70.22
N GLU B 250 39.86 -5.11 -68.89
CA GLU B 250 39.22 -4.07 -68.10
C GLU B 250 40.00 -2.76 -68.15
N CYS B 251 39.27 -1.65 -68.17
CA CYS B 251 39.85 -0.31 -68.09
C CYS B 251 40.87 -0.05 -69.21
N LYS B 252 40.55 -0.54 -70.40
CA LYS B 252 41.35 -0.28 -71.59
C LYS B 252 40.42 0.12 -72.73
N ASN B 253 40.80 1.17 -73.46
CA ASN B 253 39.98 1.65 -74.56
C ASN B 253 40.04 0.67 -75.73
N ALA B 254 38.88 0.34 -76.28
CA ALA B 254 38.77 -0.56 -77.41
C ALA B 254 38.09 0.16 -78.57
N SER B 255 38.72 0.12 -79.75
CA SER B 255 38.19 0.75 -80.95
C SER B 255 37.67 -0.33 -81.89
N VAL B 256 36.42 -0.19 -82.33
CA VAL B 256 35.79 -1.17 -83.20
C VAL B 256 35.14 -0.44 -84.36
N SER B 257 34.96 -1.17 -85.46
CA SER B 257 34.35 -0.65 -86.68
C SER B 257 33.01 -1.36 -86.90
N ILE B 258 31.97 -0.58 -87.15
CA ILE B 258 30.61 -1.08 -87.35
C ILE B 258 30.16 -0.69 -88.75
N SER B 259 29.67 -1.68 -89.50
CA SER B 259 29.19 -1.45 -90.85
C SER B 259 28.10 -2.47 -91.17
N HIS B 260 27.31 -2.15 -92.19
CA HIS B 260 26.21 -3.01 -92.61
C HIS B 260 26.08 -2.93 -94.12
N ASN B 261 25.43 -3.96 -94.69
CA ASN B 261 25.23 -3.99 -96.14
C ASN B 261 24.29 -2.89 -96.62
N SER B 262 23.48 -2.32 -95.73
CA SER B 262 22.56 -1.26 -96.09
C SER B 262 23.16 0.13 -95.92
N CYS B 263 24.41 0.24 -95.48
CA CYS B 263 25.07 1.52 -95.29
C CYS B 263 26.43 1.50 -95.97
N THR B 264 26.83 2.64 -96.52
CA THR B 264 28.08 2.77 -97.25
C THR B 264 29.14 3.46 -96.37
N ALA B 265 30.28 3.76 -96.98
CA ALA B 265 31.36 4.42 -96.26
C ALA B 265 30.94 5.83 -95.85
N PRO B 266 31.52 6.37 -94.77
CA PRO B 266 32.52 5.78 -93.86
C PRO B 266 31.92 4.81 -92.85
N ASP B 267 32.74 3.89 -92.34
CA ASP B 267 32.29 2.95 -91.31
C ASP B 267 32.22 3.64 -89.95
N LYS B 268 31.27 3.21 -89.13
CA LYS B 268 31.13 3.77 -87.80
C LYS B 268 32.30 3.36 -86.91
N THR B 269 32.88 4.32 -86.21
CA THR B 269 33.96 4.06 -85.27
C THR B 269 33.41 4.16 -83.85
N LEU B 270 33.54 3.08 -83.08
CA LEU B 270 33.01 3.03 -81.73
C LEU B 270 34.13 2.80 -80.73
N ILE B 271 34.10 3.56 -79.64
CA ILE B 271 35.08 3.48 -78.57
C ILE B 271 34.40 2.94 -77.32
N LEU B 272 34.98 1.91 -76.73
CA LEU B 272 34.42 1.24 -75.57
C LEU B 272 35.41 1.30 -74.42
N ASP B 273 34.91 1.68 -73.23
CA ASP B 273 35.70 1.70 -72.00
C ASP B 273 35.18 0.59 -71.10
N VAL B 274 36.00 -0.43 -70.90
CA VAL B 274 35.57 -1.61 -70.13
C VAL B 274 35.58 -1.27 -68.64
N PRO B 275 34.48 -1.51 -67.93
CA PRO B 275 34.46 -1.26 -66.48
C PRO B 275 35.39 -2.21 -65.76
N PRO B 276 35.84 -1.84 -64.55
CA PRO B 276 36.77 -2.73 -63.80
C PRO B 276 36.11 -4.02 -63.34
N GLY B 277 36.89 -4.87 -62.68
CA GLY B 277 36.38 -6.17 -62.29
C GLY B 277 35.32 -6.09 -61.22
N VAL B 278 34.36 -7.02 -61.30
CA VAL B 278 33.29 -7.08 -60.31
C VAL B 278 33.82 -7.56 -58.97
N GLU B 279 34.73 -8.54 -58.99
CA GLU B 279 35.22 -9.14 -57.75
C GLU B 279 36.02 -8.16 -56.90
N LYS B 280 36.45 -7.03 -57.47
CA LYS B 280 37.21 -6.04 -56.72
C LYS B 280 36.35 -5.27 -55.74
N PHE B 281 35.03 -5.40 -55.79
CA PHE B 281 34.12 -4.74 -54.86
C PHE B 281 33.67 -5.75 -53.81
N GLN B 282 33.74 -5.35 -52.54
CA GLN B 282 33.38 -6.21 -51.43
C GLN B 282 32.37 -5.49 -50.54
N LEU B 283 31.37 -6.24 -50.08
CA LEU B 283 30.35 -5.73 -49.18
C LEU B 283 30.74 -6.07 -47.75
N HIS B 284 30.81 -5.04 -46.90
CA HIS B 284 31.24 -5.18 -45.52
C HIS B 284 30.14 -4.73 -44.57
N ASP B 285 29.96 -5.48 -43.50
CA ASP B 285 29.00 -5.15 -42.44
C ASP B 285 29.72 -4.31 -41.40
N CYS B 286 29.47 -3.00 -41.42
CA CYS B 286 30.13 -2.07 -40.50
C CYS B 286 29.29 -1.79 -39.26
N THR B 287 28.39 -2.70 -38.89
CA THR B 287 27.54 -2.48 -37.73
C THR B 287 28.35 -2.60 -36.44
N GLN B 288 28.22 -1.60 -35.58
CA GLN B 288 28.89 -1.63 -34.29
C GLN B 288 28.22 -2.61 -33.34
N VAL B 289 29.03 -3.26 -32.51
CA VAL B 289 28.49 -4.25 -31.58
C VAL B 289 27.63 -3.60 -30.52
N GLU B 290 28.02 -2.41 -30.05
CA GLU B 290 27.25 -1.73 -29.00
C GLU B 290 25.91 -1.24 -29.51
N LYS B 291 25.80 -0.94 -30.81
CA LYS B 291 24.56 -0.44 -31.39
C LYS B 291 23.95 -1.43 -32.39
N ALA B 292 24.32 -2.71 -32.29
CA ALA B 292 23.79 -3.70 -33.22
C ALA B 292 22.31 -3.98 -32.99
N ASP B 293 21.75 -3.56 -31.85
CA ASP B 293 20.35 -3.85 -31.56
C ASP B 293 19.41 -2.97 -32.37
N THR B 294 19.85 -1.77 -32.78
CA THR B 294 18.97 -0.85 -33.48
C THR B 294 19.64 -0.18 -34.68
N THR B 295 20.74 -0.71 -35.18
CA THR B 295 21.46 -0.07 -36.27
C THR B 295 22.07 -1.13 -37.17
N ILE B 296 21.96 -0.92 -38.49
CA ILE B 296 22.59 -1.79 -39.49
C ILE B 296 23.42 -0.92 -40.43
N CYS B 297 24.65 -1.37 -40.71
CA CYS B 297 25.58 -0.62 -41.53
C CYS B 297 26.10 -1.50 -42.67
N LEU B 298 26.17 -0.92 -43.86
CA LEU B 298 26.72 -1.59 -45.03
C LEU B 298 27.72 -0.66 -45.71
N LYS B 299 28.82 -1.24 -46.21
CA LYS B 299 29.86 -0.45 -46.85
C LYS B 299 30.40 -1.22 -48.05
N TRP B 300 30.90 -0.47 -49.03
CA TRP B 300 31.55 -1.04 -50.20
C TRP B 300 33.04 -0.71 -50.16
N LYS B 301 33.88 -1.74 -50.25
CA LYS B 301 35.32 -1.56 -50.19
C LYS B 301 35.96 -2.10 -51.47
N ASN B 302 37.05 -1.46 -51.87
CA ASN B 302 37.83 -1.85 -53.05
C ASN B 302 39.20 -2.29 -52.57
N ILE B 303 39.32 -3.59 -52.28
CA ILE B 303 40.58 -4.11 -51.75
C ILE B 303 41.69 -4.04 -52.79
N GLU B 304 41.35 -4.28 -54.06
CA GLU B 304 42.31 -4.25 -55.15
C GLU B 304 42.03 -3.04 -56.01
N THR B 305 43.02 -2.15 -56.13
CA THR B 305 42.87 -0.96 -56.95
C THR B 305 42.94 -1.30 -58.43
N PHE B 306 42.32 -0.46 -59.25
CA PHE B 306 42.29 -0.64 -60.69
C PHE B 306 42.63 0.68 -61.38
N THR B 307 43.10 0.58 -62.62
CA THR B 307 43.48 1.75 -63.39
C THR B 307 42.31 2.68 -63.68
N CYS B 308 41.08 2.17 -63.63
CA CYS B 308 39.91 3.03 -63.76
C CYS B 308 39.87 4.03 -62.61
N ASP B 309 39.46 5.25 -62.91
CA ASP B 309 39.34 6.28 -61.88
C ASP B 309 38.13 5.98 -60.99
N THR B 310 38.20 6.49 -59.76
CA THR B 310 37.13 6.29 -58.78
C THR B 310 36.09 7.39 -58.80
N GLN B 311 36.21 8.37 -59.69
CA GLN B 311 35.26 9.49 -59.72
C GLN B 311 33.92 9.09 -60.31
N ASN B 312 33.89 8.12 -61.22
CA ASN B 312 32.68 7.75 -61.94
C ASN B 312 32.08 6.44 -61.44
N ILE B 313 32.13 6.19 -60.14
CA ILE B 313 31.58 4.98 -59.53
C ILE B 313 30.42 5.38 -58.63
N THR B 314 29.27 4.73 -58.82
CA THR B 314 28.07 5.03 -58.07
C THR B 314 27.60 3.79 -57.32
N TYR B 315 27.25 3.96 -56.05
CA TYR B 315 26.74 2.87 -55.22
C TYR B 315 25.32 3.25 -54.79
N ARG B 316 24.33 2.49 -55.25
CA ARG B 316 22.93 2.72 -54.90
C ARG B 316 22.46 1.59 -54.00
N PHE B 317 21.95 1.96 -52.82
CA PHE B 317 21.47 1.01 -51.83
C PHE B 317 19.94 1.12 -51.70
N GLN B 318 19.31 0.00 -51.41
CA GLN B 318 17.88 -0.04 -51.17
C GLN B 318 17.60 -1.05 -50.06
N CYS B 319 17.08 -0.55 -48.94
CA CYS B 319 16.67 -1.39 -47.82
C CYS B 319 15.18 -1.14 -47.59
N GLY B 320 14.37 -2.20 -47.77
CA GLY B 320 12.94 -2.06 -47.63
C GLY B 320 12.37 -1.05 -48.61
N ASN B 321 11.94 0.10 -48.10
CA ASN B 321 11.40 1.17 -48.92
C ASN B 321 12.30 2.41 -48.95
N MET B 322 13.53 2.30 -48.46
CA MET B 322 14.46 3.42 -48.41
C MET B 322 15.55 3.21 -49.43
N ILE B 323 15.70 4.17 -50.36
CA ILE B 323 16.68 4.11 -51.42
C ILE B 323 17.63 5.29 -51.26
N PHE B 324 18.93 5.03 -51.27
CA PHE B 324 19.94 6.05 -51.08
C PHE B 324 21.09 5.81 -52.06
N ASP B 325 21.95 6.83 -52.20
CA ASP B 325 23.10 6.80 -53.09
C ASP B 325 24.33 7.26 -52.30
N ASN B 326 25.01 6.31 -51.66
CA ASN B 326 26.20 6.61 -50.89
C ASN B 326 27.02 5.34 -50.74
N LYS B 327 28.33 5.52 -50.53
CA LYS B 327 29.23 4.39 -50.36
C LYS B 327 28.90 3.60 -49.09
N GLU B 328 28.64 4.31 -48.00
CA GLU B 328 28.29 3.69 -46.72
C GLU B 328 26.86 4.08 -46.37
N ILE B 329 26.06 3.08 -45.99
CA ILE B 329 24.66 3.29 -45.66
C ILE B 329 24.42 2.77 -44.24
N LYS B 330 23.75 3.59 -43.42
CA LYS B 330 23.47 3.26 -42.03
C LYS B 330 22.00 3.49 -41.75
N LEU B 331 21.37 2.53 -41.07
CA LEU B 331 19.95 2.61 -40.73
C LEU B 331 19.78 2.43 -39.22
N GLU B 332 18.92 3.25 -38.63
CA GLU B 332 18.63 3.23 -37.21
C GLU B 332 17.15 2.92 -36.99
N ASN B 333 16.75 2.92 -35.72
CA ASN B 333 15.36 2.68 -35.31
C ASN B 333 14.87 1.32 -35.82
N LEU B 334 15.52 0.27 -35.33
CA LEU B 334 15.23 -1.09 -35.74
C LEU B 334 14.67 -1.88 -34.56
N GLU B 335 13.55 -2.57 -34.80
CA GLU B 335 12.95 -3.38 -33.75
C GLU B 335 13.80 -4.62 -33.49
N PRO B 336 14.07 -4.97 -32.23
CA PRO B 336 14.87 -6.17 -31.96
C PRO B 336 14.15 -7.44 -32.40
N GLU B 337 14.95 -8.48 -32.65
CA GLU B 337 14.47 -9.79 -33.06
C GLU B 337 13.74 -9.71 -34.40
N HIS B 338 14.43 -9.18 -35.40
CA HIS B 338 13.90 -9.08 -36.75
C HIS B 338 15.03 -9.26 -37.74
N GLU B 339 14.66 -9.66 -38.97
CA GLU B 339 15.60 -9.85 -40.06
C GLU B 339 15.21 -8.92 -41.20
N TYR B 340 16.18 -8.20 -41.74
CA TYR B 340 15.96 -7.22 -42.79
C TYR B 340 16.75 -7.62 -44.04
N LYS B 341 16.27 -7.17 -45.19
CA LYS B 341 16.85 -7.49 -46.49
C LYS B 341 17.21 -6.21 -47.21
N CYS B 342 18.44 -6.15 -47.73
CA CYS B 342 18.90 -5.00 -48.50
C CYS B 342 19.50 -5.48 -49.82
N ASP B 343 19.46 -4.61 -50.82
CA ASP B 343 20.15 -4.87 -52.08
C ASP B 343 20.88 -3.62 -52.51
N SER B 344 21.83 -3.79 -53.42
CA SER B 344 22.67 -2.68 -53.85
C SER B 344 23.16 -2.93 -55.26
N GLU B 345 23.43 -1.83 -55.97
CA GLU B 345 23.96 -1.87 -57.32
C GLU B 345 25.14 -0.91 -57.44
N ILE B 346 26.15 -1.33 -58.19
CA ILE B 346 27.36 -0.55 -58.43
C ILE B 346 27.40 -0.24 -59.92
N LEU B 347 27.50 1.04 -60.25
CA LEU B 347 27.43 1.53 -61.62
C LEU B 347 28.72 2.24 -61.98
N TYR B 348 29.21 1.98 -63.19
CA TYR B 348 30.40 2.63 -63.72
C TYR B 348 29.94 3.75 -64.65
N ASN B 349 30.14 5.00 -64.22
CA ASN B 349 29.68 6.18 -64.94
C ASN B 349 28.18 6.09 -65.23
N ASN B 350 27.42 5.82 -64.17
CA ASN B 350 25.96 5.70 -64.24
C ASN B 350 25.52 4.58 -65.19
N HIS B 351 26.33 3.53 -65.30
CA HIS B 351 25.98 2.35 -66.07
C HIS B 351 26.16 1.13 -65.18
N LYS B 352 25.06 0.40 -64.95
CA LYS B 352 25.07 -0.69 -64.00
C LYS B 352 26.00 -1.81 -64.45
N PHE B 353 26.90 -2.23 -63.56
CA PHE B 353 27.77 -3.36 -63.84
C PHE B 353 27.93 -4.33 -62.67
N THR B 354 27.42 -4.03 -61.48
CA THR B 354 27.50 -4.97 -60.37
C THR B 354 26.19 -4.92 -59.58
N ASN B 355 25.74 -6.09 -59.12
CA ASN B 355 24.56 -6.19 -58.29
C ASN B 355 24.84 -7.13 -57.11
N ALA B 356 24.23 -6.83 -55.97
CA ALA B 356 24.44 -7.64 -54.79
C ALA B 356 23.26 -7.49 -53.85
N SER B 357 23.15 -8.42 -52.90
CA SER B 357 22.08 -8.39 -51.91
C SER B 357 22.57 -9.06 -50.63
N LYS B 358 21.91 -8.74 -49.53
CA LYS B 358 22.31 -9.28 -48.23
C LYS B 358 21.12 -9.25 -47.29
N ILE B 359 21.19 -10.09 -46.26
CA ILE B 359 20.19 -10.16 -45.19
C ILE B 359 20.92 -10.02 -43.86
N ILE B 360 20.38 -9.16 -43.00
CA ILE B 360 20.98 -8.88 -41.69
C ILE B 360 19.96 -9.18 -40.60
N LYS B 361 20.38 -9.97 -39.62
CA LYS B 361 19.53 -10.31 -38.49
C LYS B 361 19.84 -9.37 -37.32
N THR B 362 18.80 -8.79 -36.74
CA THR B 362 18.97 -7.86 -35.63
C THR B 362 19.27 -8.64 -34.35
N ASP B 363 20.39 -8.31 -33.72
CA ASP B 363 20.79 -8.99 -32.50
C ASP B 363 19.86 -8.62 -31.35
N PHE B 364 19.56 -9.60 -30.49
CA PHE B 364 18.72 -9.35 -29.33
C PHE B 364 19.43 -8.45 -28.33
N GLY B 365 18.65 -7.63 -27.64
CA GLY B 365 19.21 -6.72 -26.66
C GLY B 365 18.12 -5.98 -25.93
N SER B 366 18.55 -5.13 -25.00
CA SER B 366 17.69 -4.31 -24.16
C SER B 366 16.61 -5.15 -23.47
N PRO B 367 16.98 -5.97 -22.49
CA PRO B 367 16.00 -6.78 -21.77
C PRO B 367 15.27 -5.94 -20.72
N GLY B 368 14.43 -6.60 -19.95
CA GLY B 368 13.70 -5.95 -18.88
C GLY B 368 12.26 -5.63 -19.26
N GLU B 369 11.58 -4.96 -18.34
CA GLU B 369 12.17 -4.56 -17.07
C GLU B 369 11.61 -5.36 -15.90
N PRO B 370 12.49 -5.94 -15.09
CA PRO B 370 12.03 -6.67 -13.91
C PRO B 370 11.32 -5.74 -12.93
N GLN B 371 10.30 -6.28 -12.26
CA GLN B 371 9.57 -5.55 -11.23
C GLN B 371 9.79 -6.23 -9.89
N ILE B 372 10.20 -5.46 -8.89
CA ILE B 372 10.49 -6.00 -7.57
C ILE B 372 9.17 -6.16 -6.82
N ILE B 373 8.89 -7.40 -6.37
CA ILE B 373 7.67 -7.65 -5.62
C ILE B 373 7.71 -6.90 -4.30
N PHE B 374 8.80 -7.05 -3.54
CA PHE B 374 8.97 -6.32 -2.29
C PHE B 374 10.41 -6.42 -1.83
N CYS B 375 10.76 -5.54 -0.90
CA CYS B 375 12.03 -5.56 -0.19
C CYS B 375 11.77 -5.26 1.27
N ARG B 376 12.51 -5.93 2.16
CA ARG B 376 12.25 -5.78 3.59
C ARG B 376 13.48 -6.24 4.36
N SER B 377 13.51 -5.87 5.64
CA SER B 377 14.53 -6.36 6.56
C SER B 377 13.87 -6.49 7.94
N GLU B 378 13.37 -7.69 8.23
CA GLU B 378 12.68 -7.95 9.48
C GLU B 378 13.62 -8.42 10.59
N ALA B 379 14.86 -8.75 10.26
CA ALA B 379 15.84 -9.23 11.23
C ALA B 379 16.95 -8.20 11.40
N ALA B 380 17.87 -8.49 12.33
CA ALA B 380 18.98 -7.58 12.59
C ALA B 380 20.01 -7.62 11.48
N HIS B 381 20.18 -8.78 10.81
CA HIS B 381 21.18 -8.93 9.77
C HIS B 381 20.65 -9.53 8.48
N GLN B 382 19.40 -9.99 8.44
CA GLN B 382 18.83 -10.66 7.28
C GLN B 382 17.83 -9.75 6.59
N GLY B 383 17.94 -9.63 5.28
CA GLY B 383 16.97 -8.88 4.49
C GLY B 383 16.48 -9.71 3.32
N VAL B 384 15.22 -9.55 3.00
CA VAL B 384 14.56 -10.35 1.97
C VAL B 384 14.16 -9.44 0.82
N ILE B 385 14.57 -9.80 -0.40
CA ILE B 385 14.19 -9.08 -1.61
C ILE B 385 13.59 -10.08 -2.59
N THR B 386 12.37 -9.81 -3.04
CA THR B 386 11.67 -10.67 -3.99
C THR B 386 11.24 -9.83 -5.18
N TRP B 387 11.49 -10.35 -6.39
CA TRP B 387 11.17 -9.65 -7.62
C TRP B 387 10.39 -10.54 -8.57
N ASN B 388 10.21 -10.08 -9.81
CA ASN B 388 9.54 -10.86 -10.84
C ASN B 388 10.37 -10.86 -12.11
N PRO B 389 10.48 -12.01 -12.79
CA PRO B 389 11.31 -12.07 -13.99
C PRO B 389 10.72 -11.21 -15.10
N PRO B 390 11.57 -10.62 -15.94
CA PRO B 390 11.06 -9.81 -17.05
C PRO B 390 10.46 -10.67 -18.16
N GLN B 391 9.61 -10.03 -18.96
CA GLN B 391 8.93 -10.75 -20.04
C GLN B 391 9.88 -11.03 -21.20
N ARG B 392 10.75 -10.07 -21.53
CA ARG B 392 11.64 -10.23 -22.67
C ARG B 392 12.76 -11.21 -22.34
N SER B 393 13.52 -11.58 -23.36
CA SER B 393 14.60 -12.55 -23.20
C SER B 393 15.69 -11.99 -22.28
N PHE B 394 16.20 -12.85 -21.40
CA PHE B 394 17.23 -12.45 -20.46
C PHE B 394 18.00 -13.70 -20.04
N HIS B 395 19.19 -13.47 -19.47
CA HIS B 395 20.05 -14.57 -19.02
C HIS B 395 20.24 -14.58 -17.51
N ASN B 396 20.68 -13.48 -16.91
CA ASN B 396 20.95 -13.44 -15.49
C ASN B 396 20.48 -12.10 -14.93
N PHE B 397 20.66 -11.92 -13.62
CA PHE B 397 20.32 -10.68 -12.94
C PHE B 397 21.55 -10.11 -12.26
N THR B 398 21.58 -8.79 -12.12
CA THR B 398 22.62 -8.10 -11.35
C THR B 398 21.94 -7.25 -10.29
N LEU B 399 22.34 -7.46 -9.04
CA LEU B 399 21.78 -6.75 -7.90
C LEU B 399 22.91 -6.01 -7.18
N CYS B 400 22.78 -4.69 -7.08
CA CYS B 400 23.78 -3.85 -6.43
C CYS B 400 23.17 -3.23 -5.18
N TYR B 401 23.85 -3.41 -4.06
CA TYR B 401 23.46 -2.76 -2.80
C TYR B 401 24.45 -1.66 -2.48
N ILE B 402 23.93 -0.47 -2.17
CA ILE B 402 24.73 0.70 -1.88
C ILE B 402 24.35 1.20 -0.49
N LYS B 403 25.36 1.50 0.32
CA LYS B 403 25.19 2.10 1.64
C LYS B 403 25.89 3.45 1.65
N GLU B 404 25.98 4.05 2.84
CA GLU B 404 26.60 5.37 2.97
C GLU B 404 28.08 5.37 2.64
N THR B 405 28.72 4.20 2.63
CA THR B 405 30.16 4.11 2.41
C THR B 405 30.53 3.35 1.13
N GLU B 406 29.99 2.15 0.94
CA GLU B 406 30.43 1.28 -0.14
C GLU B 406 29.24 0.82 -0.98
N LYS B 407 29.55 0.46 -2.23
CA LYS B 407 28.58 -0.11 -3.16
C LYS B 407 29.13 -1.40 -3.71
N ASP B 408 28.34 -2.48 -3.62
CA ASP B 408 28.78 -3.79 -4.07
C ASP B 408 27.68 -4.46 -4.90
N CYS B 409 28.09 -5.09 -6.00
CA CYS B 409 27.18 -5.75 -6.91
C CYS B 409 27.42 -7.26 -6.90
N LEU B 410 26.35 -8.01 -7.18
CA LEU B 410 26.41 -9.46 -7.27
C LEU B 410 25.56 -9.93 -8.45
N ASN B 411 25.87 -11.13 -8.92
CA ASN B 411 25.18 -11.73 -10.05
C ASN B 411 24.34 -12.91 -9.57
N LEU B 412 23.15 -13.06 -10.15
CA LEU B 412 22.19 -14.08 -9.75
C LEU B 412 21.67 -14.81 -10.98
N ASP B 413 21.37 -16.10 -10.80
CA ASP B 413 20.81 -16.89 -11.87
C ASP B 413 19.37 -16.49 -12.15
N LYS B 414 18.92 -16.78 -13.37
CA LYS B 414 17.56 -16.43 -13.76
C LYS B 414 16.53 -17.25 -12.99
N ASN B 415 16.89 -18.45 -12.54
CA ASN B 415 15.94 -19.28 -11.81
C ASN B 415 15.56 -18.67 -10.47
N LEU B 416 16.53 -18.09 -9.77
CA LEU B 416 16.26 -17.51 -8.45
C LEU B 416 15.30 -16.34 -8.57
N ILE B 417 14.36 -16.25 -7.62
CA ILE B 417 13.36 -15.20 -7.62
C ILE B 417 13.48 -14.38 -6.35
N LYS B 418 13.98 -15.00 -5.27
CA LYS B 418 14.13 -14.35 -3.98
C LYS B 418 15.59 -14.40 -3.55
N TYR B 419 16.00 -13.38 -2.80
CA TYR B 419 17.35 -13.32 -2.27
C TYR B 419 17.31 -12.86 -0.83
N ASP B 420 18.26 -13.36 -0.04
CA ASP B 420 18.36 -13.06 1.39
C ASP B 420 19.75 -12.50 1.68
N LEU B 421 19.85 -11.17 1.78
CA LEU B 421 21.08 -10.54 2.18
C LEU B 421 21.38 -10.85 3.65
N GLN B 422 22.64 -11.15 3.93
CA GLN B 422 23.11 -11.48 5.27
C GLN B 422 24.39 -10.72 5.56
N ASN B 423 24.79 -10.75 6.84
CA ASN B 423 26.00 -10.07 7.32
C ASN B 423 25.94 -8.58 7.02
N LEU B 424 24.89 -7.93 7.53
CA LEU B 424 24.65 -6.52 7.33
C LEU B 424 24.79 -5.77 8.65
N LYS B 425 25.29 -4.54 8.57
CA LYS B 425 25.44 -3.72 9.77
C LYS B 425 24.06 -3.29 10.26
N PRO B 426 23.73 -3.55 11.53
CA PRO B 426 22.38 -3.26 12.01
C PRO B 426 22.06 -1.77 11.99
N TYR B 427 20.78 -1.47 11.79
CA TYR B 427 20.26 -0.10 11.79
C TYR B 427 20.99 0.76 10.76
N THR B 428 21.08 0.25 9.53
CA THR B 428 21.67 0.97 8.42
C THR B 428 20.75 0.86 7.20
N LYS B 429 20.74 1.91 6.40
CA LYS B 429 19.88 1.99 5.23
C LYS B 429 20.67 1.59 3.99
N TYR B 430 20.11 0.67 3.20
CA TYR B 430 20.70 0.22 1.96
C TYR B 430 19.72 0.46 0.81
N VAL B 431 20.27 0.86 -0.33
CA VAL B 431 19.50 1.01 -1.57
C VAL B 431 19.91 -0.11 -2.51
N LEU B 432 18.92 -0.85 -3.00
CA LEU B 432 19.12 -2.03 -3.84
C LEU B 432 18.60 -1.74 -5.24
N SER B 433 19.46 -1.94 -6.24
CA SER B 433 19.11 -1.76 -7.65
C SER B 433 19.29 -3.10 -8.36
N LEU B 434 18.23 -3.56 -9.01
CA LEU B 434 18.24 -4.86 -9.66
C LEU B 434 17.92 -4.70 -11.14
N HIS B 435 18.72 -5.33 -12.00
CA HIS B 435 18.46 -5.26 -13.43
C HIS B 435 18.86 -6.57 -14.09
N ALA B 436 18.02 -7.05 -15.00
CA ALA B 436 18.30 -8.27 -15.74
C ALA B 436 19.17 -7.97 -16.94
N TYR B 437 20.20 -8.80 -17.15
CA TYR B 437 21.12 -8.63 -18.26
C TYR B 437 21.25 -9.93 -19.05
N ILE B 438 21.54 -9.77 -20.33
CA ILE B 438 21.69 -10.88 -21.26
C ILE B 438 23.06 -10.77 -21.93
N ILE B 439 23.74 -11.90 -22.06
CA ILE B 439 25.09 -11.95 -22.62
C ILE B 439 24.94 -12.12 -24.13
N ALA B 440 24.76 -11.00 -24.82
CA ALA B 440 24.82 -10.95 -26.28
C ALA B 440 26.27 -10.83 -26.71
N LYS B 441 26.51 -10.45 -27.97
CA LYS B 441 27.87 -10.13 -28.39
C LYS B 441 28.51 -9.10 -27.47
N VAL B 442 27.70 -8.16 -26.96
CA VAL B 442 28.07 -7.33 -25.82
C VAL B 442 26.93 -7.42 -24.82
N GLN B 443 27.29 -7.34 -23.53
CA GLN B 443 26.29 -7.49 -22.49
C GLN B 443 25.24 -6.39 -22.58
N ARG B 444 23.97 -6.78 -22.49
CA ARG B 444 22.86 -5.83 -22.55
C ARG B 444 22.08 -5.90 -21.25
N ASN B 445 22.05 -4.80 -20.51
CA ASN B 445 21.25 -4.68 -19.30
C ASN B 445 20.25 -3.54 -19.47
N GLY B 446 18.98 -3.83 -19.20
CA GLY B 446 17.91 -2.87 -19.39
C GLY B 446 17.70 -1.98 -18.19
N SER B 447 16.55 -1.31 -18.16
CA SER B 447 16.22 -0.42 -17.07
C SER B 447 16.09 -1.20 -15.77
N ALA B 448 16.64 -0.63 -14.70
CA ALA B 448 16.70 -1.28 -13.40
C ALA B 448 15.53 -0.85 -12.52
N ALA B 449 15.32 -1.63 -11.46
CA ALA B 449 14.33 -1.32 -10.43
C ALA B 449 15.07 -1.01 -9.13
N MET B 450 14.71 0.10 -8.50
CA MET B 450 15.39 0.60 -7.32
C MET B 450 14.46 0.56 -6.11
N CYS B 451 15.02 0.20 -4.96
CA CYS B 451 14.29 0.18 -3.70
C CYS B 451 15.24 0.54 -2.58
N HIS B 452 14.68 0.81 -1.41
CA HIS B 452 15.48 1.19 -0.24
C HIS B 452 14.86 0.62 1.02
N PHE B 453 15.71 0.16 1.93
CA PHE B 453 15.21 -0.35 3.21
C PHE B 453 16.31 -0.30 4.25
N THR B 454 15.89 -0.29 5.51
CA THR B 454 16.81 -0.25 6.65
C THR B 454 16.58 -1.47 7.53
N THR B 455 17.66 -1.91 8.18
CA THR B 455 17.61 -3.09 9.03
C THR B 455 17.02 -2.75 10.39
N LYS B 456 17.02 -3.73 11.30
CA LYS B 456 16.47 -3.55 12.63
C LYS B 456 17.57 -3.08 13.58
N SER B 457 17.27 -3.08 14.88
CA SER B 457 18.19 -2.61 15.90
C SER B 457 18.68 -3.77 16.76
N ALA B 458 19.93 -3.69 17.18
CA ALA B 458 20.58 -4.69 18.02
C ALA B 458 21.23 -4.00 19.21
N PRO B 459 21.45 -4.72 20.30
CA PRO B 459 22.10 -4.11 21.47
C PRO B 459 23.47 -3.57 21.12
N PRO B 460 23.83 -2.40 21.64
CA PRO B 460 25.14 -1.82 21.32
C PRO B 460 26.26 -2.52 22.08
N SER B 461 27.49 -2.26 21.62
CA SER B 461 28.67 -2.82 22.25
C SER B 461 29.04 -2.02 23.49
N GLN B 462 30.10 -2.47 24.17
CA GLN B 462 30.55 -1.81 25.39
C GLN B 462 31.16 -0.45 25.08
N VAL B 463 31.13 0.43 26.08
CA VAL B 463 31.68 1.77 25.93
C VAL B 463 33.20 1.70 25.87
N TRP B 464 33.85 2.80 25.48
CA TRP B 464 35.28 2.84 25.28
C TRP B 464 35.94 3.73 26.32
N ASN B 465 37.10 3.28 26.81
CA ASN B 465 37.96 4.02 27.75
C ASN B 465 37.16 4.65 28.87
N MET B 466 36.51 3.80 29.66
CA MET B 466 35.72 4.25 30.81
C MET B 466 36.68 4.66 31.92
N THR B 467 37.24 5.86 31.76
CA THR B 467 38.19 6.39 32.73
C THR B 467 37.50 6.67 34.07
N VAL B 468 38.13 6.21 35.15
CA VAL B 468 37.66 6.45 36.50
C VAL B 468 38.81 7.07 37.29
N SER B 469 38.54 8.19 37.94
CA SER B 469 39.58 8.93 38.65
C SER B 469 39.05 9.36 40.03
N MET B 470 39.99 9.57 40.94
CA MET B 470 39.66 10.02 42.28
C MET B 470 39.42 11.52 42.31
N THR B 471 38.42 11.95 43.08
CA THR B 471 38.10 13.36 43.25
C THR B 471 38.32 13.81 44.68
N SER B 472 37.80 13.07 45.66
CA SER B 472 38.01 13.37 47.07
C SER B 472 38.00 12.05 47.83
N ASP B 473 37.86 12.13 49.15
CA ASP B 473 37.84 10.93 49.98
C ASP B 473 36.53 10.15 49.83
N ASN B 474 35.49 10.74 49.25
CA ASN B 474 34.21 10.05 49.10
C ASN B 474 33.55 10.30 47.75
N SER B 475 34.29 10.82 46.77
CA SER B 475 33.73 11.13 45.46
C SER B 475 34.64 10.57 44.36
N MET B 476 34.02 10.22 43.23
CA MET B 476 34.73 9.63 42.11
C MET B 476 34.22 10.27 40.81
N HIS B 477 35.13 10.38 39.84
CA HIS B 477 34.84 10.98 38.54
C HIS B 477 34.88 9.88 37.49
N VAL B 478 33.77 9.70 36.76
CA VAL B 478 33.64 8.63 35.78
C VAL B 478 33.31 9.25 34.43
N LYS B 479 34.07 8.86 33.40
CA LYS B 479 33.79 9.29 32.03
C LYS B 479 34.03 8.13 31.09
N CYS B 480 33.45 8.23 29.89
CA CYS B 480 33.70 7.24 28.85
C CYS B 480 33.32 7.83 27.50
N ARG B 481 33.84 7.21 26.44
CA ARG B 481 33.51 7.64 25.09
C ARG B 481 32.29 6.89 24.57
N PRO B 482 31.53 7.51 23.66
CA PRO B 482 30.39 6.81 23.07
C PRO B 482 30.85 5.58 22.31
N PRO B 483 30.03 4.53 22.29
CA PRO B 483 30.41 3.33 21.55
C PRO B 483 30.45 3.58 20.05
N ARG B 484 31.28 2.79 19.36
CA ARG B 484 31.42 2.94 17.92
C ARG B 484 30.10 2.66 17.21
N ASP B 485 29.36 1.65 17.65
CA ASP B 485 28.09 1.27 17.05
C ASP B 485 26.96 1.79 17.92
N ARG B 486 26.36 2.91 17.51
CA ARG B 486 25.21 3.45 18.23
C ARG B 486 24.04 2.47 18.18
N ASN B 487 23.67 2.04 16.97
CA ASN B 487 22.62 1.04 16.77
C ASN B 487 21.30 1.46 17.41
N GLY B 488 20.96 2.74 17.29
CA GLY B 488 19.73 3.25 17.82
C GLY B 488 19.52 4.72 17.54
N PRO B 489 18.25 5.16 17.54
CA PRO B 489 17.96 6.57 17.30
C PRO B 489 18.09 7.47 18.52
N HIS B 490 18.46 6.92 19.68
CA HIS B 490 18.60 7.70 20.91
C HIS B 490 19.93 7.37 21.57
N GLU B 491 20.42 8.31 22.37
CA GLU B 491 21.67 8.16 23.11
C GLU B 491 21.41 8.39 24.58
N ARG B 492 21.81 7.42 25.41
CA ARG B 492 21.63 7.54 26.85
C ARG B 492 22.66 6.63 27.52
N TYR B 493 23.07 7.02 28.74
CA TYR B 493 24.04 6.27 29.51
C TYR B 493 23.47 5.94 30.88
N HIS B 494 23.59 4.68 31.28
CA HIS B 494 23.10 4.22 32.58
C HIS B 494 24.27 3.70 33.39
N LEU B 495 24.38 4.16 34.64
CA LEU B 495 25.44 3.76 35.55
C LEU B 495 24.85 3.15 36.81
N GLU B 496 25.44 2.03 37.24
CA GLU B 496 25.06 1.35 38.47
C GLU B 496 26.29 1.25 39.37
N VAL B 497 26.18 1.79 40.58
CA VAL B 497 27.25 1.74 41.57
C VAL B 497 26.84 0.75 42.65
N GLU B 498 27.72 -0.22 42.90
CA GLU B 498 27.45 -1.28 43.85
C GLU B 498 28.58 -1.38 44.87
N ALA B 499 28.23 -1.81 46.08
CA ALA B 499 29.19 -2.03 47.15
C ALA B 499 28.94 -3.39 47.76
N GLY B 500 29.95 -4.25 47.77
CA GLY B 500 29.79 -5.59 48.30
C GLY B 500 28.81 -6.44 47.52
N ASN B 501 28.86 -6.36 46.18
CA ASN B 501 27.94 -7.11 45.32
C ASN B 501 26.49 -6.79 45.62
N THR B 502 26.21 -5.52 45.91
CA THR B 502 24.86 -5.06 46.21
C THR B 502 24.67 -3.67 45.61
N LEU B 503 23.66 -3.52 44.76
CA LEU B 503 23.39 -2.23 44.12
C LEU B 503 23.02 -1.19 45.17
N VAL B 504 23.66 -0.02 45.10
CA VAL B 504 23.41 1.04 46.06
C VAL B 504 23.12 2.36 45.36
N ARG B 505 23.43 2.44 44.06
CA ARG B 505 23.20 3.68 43.34
C ARG B 505 22.86 3.39 41.88
N ASN B 506 21.87 4.10 41.35
CA ASN B 506 21.49 4.00 39.95
C ASN B 506 21.32 5.41 39.39
N GLU B 507 21.97 5.68 38.26
CA GLU B 507 21.91 7.00 37.64
C GLU B 507 21.78 6.86 36.13
N SER B 508 21.17 7.87 35.51
CA SER B 508 21.00 7.91 34.06
C SER B 508 21.34 9.31 33.57
N HIS B 509 22.36 9.42 32.73
CA HIS B 509 22.80 10.70 32.20
C HIS B 509 22.85 10.64 30.68
N LYS B 510 22.65 11.81 30.05
CA LYS B 510 22.73 11.89 28.60
C LYS B 510 24.17 11.78 28.09
N ASN B 511 25.15 12.10 28.92
CA ASN B 511 26.56 12.00 28.56
C ASN B 511 27.31 11.24 29.64
N CYS B 512 28.42 10.60 29.25
CA CYS B 512 29.22 9.79 30.16
C CYS B 512 30.05 10.73 31.04
N ASP B 513 29.39 11.26 32.08
CA ASP B 513 30.05 12.16 33.01
C ASP B 513 29.32 12.02 34.35
N PHE B 514 29.91 11.24 35.26
CA PHE B 514 29.25 10.89 36.52
C PHE B 514 30.12 11.25 37.70
N ARG B 515 29.48 11.81 38.73
CA ARG B 515 30.12 12.09 40.02
C ARG B 515 29.52 11.18 41.07
N VAL B 516 30.37 10.48 41.80
CA VAL B 516 29.93 9.54 42.83
C VAL B 516 30.40 10.09 44.17
N LYS B 517 29.52 10.84 44.84
CA LYS B 517 29.84 11.48 46.11
C LYS B 517 29.16 10.74 47.26
N ASP B 518 29.30 11.29 48.46
CA ASP B 518 28.70 10.77 49.70
C ASP B 518 28.86 9.26 49.82
N LEU B 519 30.08 8.79 49.62
CA LEU B 519 30.40 7.38 49.74
C LEU B 519 30.86 7.06 51.16
N GLN B 520 31.39 5.86 51.36
CA GLN B 520 31.87 5.41 52.66
C GLN B 520 33.40 5.33 52.64
N TYR B 521 34.01 5.69 53.76
CA TYR B 521 35.46 5.69 53.85
C TYR B 521 36.01 4.27 53.89
N SER B 522 37.08 4.04 53.11
CA SER B 522 37.83 2.79 53.12
C SER B 522 36.94 1.59 52.77
N THR B 523 36.39 1.61 51.56
CA THR B 523 35.62 0.50 51.05
C THR B 523 35.66 0.52 49.52
N ASP B 524 35.38 -0.63 48.93
CA ASP B 524 35.43 -0.79 47.49
C ASP B 524 34.09 -0.39 46.85
N TYR B 525 34.14 -0.12 45.55
CA TYR B 525 32.95 0.22 44.79
C TYR B 525 33.12 -0.30 43.37
N THR B 526 32.04 -0.86 42.83
CA THR B 526 32.01 -1.37 41.47
C THR B 526 31.09 -0.49 40.63
N PHE B 527 31.62 0.03 39.53
CA PHE B 527 30.87 0.87 38.60
C PHE B 527 30.58 0.08 37.33
N LYS B 528 29.30 0.01 36.97
CA LYS B 528 28.85 -0.67 35.75
C LYS B 528 28.12 0.37 34.91
N ALA B 529 28.79 0.84 33.85
CA ALA B 529 28.24 1.87 32.98
C ALA B 529 28.02 1.29 31.59
N TYR B 530 26.85 1.55 31.01
CA TYR B 530 26.54 1.07 29.68
C TYR B 530 25.76 2.12 28.91
N PHE B 531 25.76 1.97 27.59
CA PHE B 531 25.08 2.87 26.67
C PHE B 531 23.74 2.27 26.27
N HIS B 532 22.68 3.06 26.36
CA HIS B 532 21.34 2.63 26.01
C HIS B 532 20.87 3.41 24.78
N ASN B 533 20.43 2.68 23.75
CA ASN B 533 19.98 3.28 22.52
C ASN B 533 18.47 3.52 22.50
N GLY B 534 17.77 3.24 23.60
CA GLY B 534 16.34 3.39 23.65
C GLY B 534 15.54 2.17 23.22
N ASP B 535 16.19 1.14 22.70
CA ASP B 535 15.52 -0.08 22.28
C ASP B 535 16.10 -1.32 22.93
N TYR B 536 17.42 -1.38 23.13
CA TYR B 536 18.07 -2.52 23.74
C TYR B 536 19.20 -2.05 24.63
N PRO B 537 19.38 -2.68 25.80
CA PRO B 537 20.50 -2.31 26.68
C PRO B 537 21.77 -3.06 26.33
N GLY B 538 22.87 -2.33 26.10
CA GLY B 538 24.12 -2.95 25.71
C GLY B 538 24.82 -3.64 26.86
N GLU B 539 25.95 -4.26 26.53
CA GLU B 539 26.73 -4.97 27.53
C GLU B 539 27.40 -3.97 28.47
N PRO B 540 27.15 -4.04 29.77
CA PRO B 540 27.75 -3.06 30.69
C PRO B 540 29.27 -3.21 30.77
N PHE B 541 29.94 -2.08 31.01
CA PHE B 541 31.36 -2.06 31.26
C PHE B 541 31.57 -1.89 32.77
N ILE B 542 32.32 -2.82 33.36
CA ILE B 542 32.42 -2.94 34.81
C ILE B 542 33.86 -2.69 35.24
N LEU B 543 34.03 -1.83 36.24
CA LEU B 543 35.33 -1.59 36.84
C LEU B 543 35.18 -1.54 38.36
N HIS B 544 36.27 -1.80 39.06
CA HIS B 544 36.31 -1.80 40.51
C HIS B 544 37.36 -0.80 40.99
N HIS B 545 37.05 -0.08 42.07
CA HIS B 545 38.02 0.84 42.65
C HIS B 545 37.79 0.96 44.14
N SER B 546 38.88 1.08 44.89
CA SER B 546 38.84 1.18 46.34
C SER B 546 38.96 2.64 46.76
N THR B 547 38.05 3.09 47.62
CA THR B 547 38.11 4.44 48.18
C THR B 547 39.11 4.44 49.34
N SER B 548 40.39 4.32 48.98
CA SER B 548 41.47 4.20 49.95
C SER B 548 41.70 5.55 50.62
N TYR B 549 40.86 5.84 51.62
CA TYR B 549 40.97 7.06 52.40
C TYR B 549 40.78 6.73 53.87
N ASN B 550 41.06 7.73 54.73
CA ASN B 550 40.92 7.58 56.17
C ASN B 550 40.49 8.94 56.73
N SER B 551 39.18 9.11 56.90
CA SER B 551 38.61 10.35 57.42
C SER B 551 39.05 11.57 56.59
N GLY C 1 0.91 -22.02 -9.22
CA GLY C 1 0.59 -20.76 -9.87
C GLY C 1 -0.24 -19.84 -9.00
N PHE C 2 -1.22 -19.17 -9.61
CA PHE C 2 -2.10 -18.24 -8.92
C PHE C 2 -3.46 -18.89 -8.72
N HIS C 3 -3.91 -18.91 -7.47
CA HIS C 3 -5.20 -19.52 -7.12
C HIS C 3 -5.96 -18.60 -6.19
N THR C 4 -7.28 -18.74 -6.20
CA THR C 4 -8.17 -17.96 -5.33
C THR C 4 -8.88 -18.91 -4.39
N ILE C 5 -8.75 -18.66 -3.08
CA ILE C 5 -9.38 -19.46 -2.05
C ILE C 5 -10.23 -18.53 -1.18
N ASN C 6 -11.51 -18.86 -1.04
CA ASN C 6 -12.46 -18.03 -0.30
C ASN C 6 -12.62 -18.49 1.14
N ALA C 7 -13.03 -19.74 1.35
CA ALA C 7 -13.27 -20.29 2.68
C ALA C 7 -14.30 -19.47 3.45
N THR C 8 -14.49 -19.77 4.73
CA THR C 8 -15.42 -19.06 5.58
C THR C 8 -14.69 -18.56 6.83
N TRP C 9 -15.43 -17.86 7.69
CA TRP C 9 -14.86 -17.36 8.93
C TRP C 9 -14.56 -18.51 9.88
N TRP C 10 -13.53 -18.30 10.72
CA TRP C 10 -13.12 -19.27 11.72
C TRP C 10 -12.81 -20.62 11.10
N ALA C 11 -12.12 -20.60 9.96
CA ALA C 11 -11.76 -21.81 9.23
C ALA C 11 -10.23 -21.93 9.19
N ASN C 12 -9.73 -23.10 9.55
CA ASN C 12 -8.30 -23.39 9.51
C ASN C 12 -7.94 -23.76 8.07
N ILE C 13 -7.57 -22.75 7.29
CA ILE C 13 -7.32 -22.94 5.86
C ILE C 13 -5.87 -23.34 5.66
N THR C 14 -5.65 -24.41 4.90
CA THR C 14 -4.32 -24.94 4.66
C THR C 14 -3.87 -24.58 3.25
N LEU C 15 -2.70 -23.95 3.16
CA LEU C 15 -2.09 -23.60 1.88
C LEU C 15 -0.93 -24.55 1.61
N VAL C 16 -0.95 -25.18 0.44
CA VAL C 16 0.05 -26.17 0.05
C VAL C 16 1.19 -25.45 -0.66
N GLY C 17 2.41 -25.70 -0.21
CA GLY C 17 3.58 -25.07 -0.78
C GLY C 17 4.27 -25.94 -1.82
N PRO C 18 5.32 -25.40 -2.43
CA PRO C 18 6.07 -26.16 -3.43
C PRO C 18 6.89 -27.26 -2.78
N PRO C 19 7.36 -28.24 -3.55
CA PRO C 19 8.22 -29.28 -2.98
C PRO C 19 9.60 -28.76 -2.61
N ASP C 20 10.54 -29.68 -2.37
CA ASP C 20 11.92 -29.33 -2.01
C ASP C 20 11.96 -28.49 -0.74
N THR C 21 11.51 -29.11 0.34
CA THR C 21 11.52 -28.47 1.65
C THR C 21 12.96 -28.18 2.09
N PRO C 22 13.16 -27.16 2.95
CA PRO C 22 12.18 -26.30 3.62
C PRO C 22 11.58 -25.21 2.73
N VAL C 23 10.50 -24.58 3.19
CA VAL C 23 9.80 -23.55 2.44
C VAL C 23 9.69 -22.30 3.30
N THR C 24 9.51 -21.16 2.64
CA THR C 24 9.32 -19.89 3.31
C THR C 24 8.04 -19.25 2.79
N TRP C 25 7.18 -18.81 3.71
CA TRP C 25 5.90 -18.20 3.36
C TRP C 25 5.93 -16.73 3.76
N TYR C 26 5.82 -15.85 2.77
CA TYR C 26 5.82 -14.40 2.94
C TYR C 26 4.54 -13.82 2.37
N ASP C 27 4.40 -12.51 2.49
CA ASP C 27 3.32 -11.76 1.87
C ASP C 27 3.91 -10.70 0.96
N THR C 28 3.05 -10.12 0.11
CA THR C 28 3.51 -9.08 -0.80
C THR C 28 3.87 -7.80 -0.07
N GLN C 29 3.19 -7.51 1.04
CA GLN C 29 3.48 -6.29 1.79
C GLN C 29 4.88 -6.32 2.39
N GLY C 30 5.29 -7.46 2.92
CA GLY C 30 6.60 -7.57 3.54
C GLY C 30 6.56 -8.01 4.99
N LEU C 31 5.51 -8.72 5.38
CA LEU C 31 5.35 -9.24 6.73
C LEU C 31 5.73 -10.71 6.74
N TRP C 32 6.74 -11.07 7.51
CA TRP C 32 7.20 -12.45 7.57
C TRP C 32 6.15 -13.33 8.24
N PHE C 33 5.84 -14.45 7.61
CA PHE C 33 4.82 -15.38 8.12
C PHE C 33 5.41 -16.70 8.57
N CYS C 34 6.15 -17.40 7.69
CA CYS C 34 6.68 -18.71 8.03
C CYS C 34 8.10 -18.85 7.52
N ASN C 35 9.00 -19.30 8.39
CA ASN C 35 10.38 -19.62 8.05
C ASN C 35 10.61 -21.08 8.43
N GLY C 36 10.49 -21.97 7.45
CA GLY C 36 10.61 -23.39 7.73
C GLY C 36 9.54 -23.85 8.69
N SER C 37 9.92 -24.75 9.60
CA SER C 37 8.99 -25.19 10.64
C SER C 37 8.82 -24.13 11.70
N ARG C 38 9.85 -23.32 11.95
CA ARG C 38 9.78 -22.27 12.95
C ARG C 38 8.80 -21.18 12.51
N VAL C 39 8.10 -20.61 13.48
CA VAL C 39 7.07 -19.60 13.23
C VAL C 39 7.65 -18.22 13.51
N LYS C 40 7.29 -17.25 12.67
CA LYS C 40 7.71 -15.87 12.83
C LYS C 40 6.48 -14.97 12.93
N ASN C 41 6.68 -13.81 13.56
CA ASN C 41 5.63 -12.82 13.78
C ASN C 41 4.42 -13.46 14.48
N PRO C 42 4.53 -13.78 15.77
CA PRO C 42 3.44 -14.47 16.47
C PRO C 42 2.14 -13.68 16.56
N GLN C 43 2.16 -12.37 16.30
CA GLN C 43 0.94 -11.57 16.42
C GLN C 43 -0.13 -12.00 15.44
N ILE C 44 0.23 -12.74 14.38
CA ILE C 44 -0.72 -13.30 13.44
C ILE C 44 -0.83 -14.80 13.73
N ARG C 45 -2.05 -15.27 13.99
CA ARG C 45 -2.28 -16.64 14.40
C ARG C 45 -2.17 -17.55 13.19
N HIS C 46 -1.09 -18.33 13.12
CA HIS C 46 -0.88 -19.28 12.04
C HIS C 46 0.18 -20.29 12.48
N THR C 47 0.26 -21.39 11.75
CA THR C 47 1.26 -22.42 12.02
C THR C 47 1.92 -22.85 10.72
N CYS C 48 3.16 -23.32 10.85
CA CYS C 48 4.00 -23.64 9.71
C CYS C 48 4.53 -25.06 9.83
N ASN C 49 4.91 -25.62 8.70
CA ASN C 49 5.59 -26.91 8.64
C ASN C 49 6.67 -26.81 7.57
N ASP C 50 7.23 -27.96 7.19
CA ASP C 50 8.33 -27.96 6.24
C ASP C 50 7.88 -27.58 4.84
N GLN C 51 6.62 -27.83 4.50
CA GLN C 51 6.16 -27.57 3.14
C GLN C 51 4.93 -26.69 3.06
N ASN C 52 4.00 -26.83 3.99
CA ASN C 52 2.70 -26.15 3.90
C ASN C 52 2.56 -25.13 5.02
N LEU C 53 1.44 -24.39 4.96
CA LEU C 53 1.10 -23.39 5.96
C LEU C 53 -0.35 -23.57 6.36
N THR C 54 -0.70 -23.17 7.58
CA THR C 54 -2.09 -23.23 8.02
C THR C 54 -2.46 -21.94 8.73
N LEU C 55 -3.57 -21.35 8.33
CA LEU C 55 -4.10 -20.14 8.95
C LEU C 55 -5.28 -20.52 9.84
N ILE C 56 -5.27 -20.01 11.07
CA ILE C 56 -6.27 -20.34 12.09
C ILE C 56 -7.08 -19.09 12.38
N HIS C 57 -8.41 -19.22 12.33
CA HIS C 57 -9.33 -18.15 12.67
C HIS C 57 -9.10 -16.92 11.78
N VAL C 58 -9.31 -17.11 10.49
CA VAL C 58 -9.07 -16.05 9.52
C VAL C 58 -10.14 -14.97 9.65
N ASN C 59 -9.77 -13.76 9.26
CA ASN C 59 -10.70 -12.63 9.26
C ASN C 59 -10.18 -11.60 8.25
N LYS C 60 -10.68 -10.36 8.35
CA LYS C 60 -10.41 -9.35 7.33
C LYS C 60 -8.91 -9.12 7.14
N THR C 61 -8.12 -9.19 8.21
CA THR C 61 -6.69 -8.95 8.09
C THR C 61 -5.97 -10.02 7.28
N TYR C 62 -6.59 -11.17 7.04
CA TYR C 62 -5.98 -12.23 6.25
C TYR C 62 -6.26 -12.11 4.76
N GLU C 63 -7.05 -11.12 4.34
CA GLU C 63 -7.40 -10.95 2.94
C GLU C 63 -6.20 -10.34 2.22
N ARG C 64 -5.34 -11.21 1.68
CA ARG C 64 -4.13 -10.78 1.00
C ARG C 64 -3.58 -11.95 0.19
N THR C 65 -2.46 -11.72 -0.46
CA THR C 65 -1.81 -12.75 -1.27
C THR C 65 -0.59 -13.28 -0.52
N TYR C 66 -0.55 -14.59 -0.32
CA TYR C 66 0.54 -15.27 0.37
C TYR C 66 1.38 -16.01 -0.66
N MET C 67 2.70 -15.82 -0.57
CA MET C 67 3.65 -16.40 -1.53
C MET C 67 4.54 -17.39 -0.80
N GLY C 68 4.55 -18.63 -1.27
CA GLY C 68 5.40 -19.68 -0.72
C GLY C 68 6.51 -20.03 -1.70
N TYR C 69 7.73 -20.14 -1.15
CA TYR C 69 8.92 -20.42 -1.93
C TYR C 69 9.62 -21.64 -1.38
N ASN C 70 10.27 -22.40 -2.25
CA ASN C 70 11.00 -23.59 -1.84
C ASN C 70 12.37 -23.18 -1.29
N ARG C 71 13.23 -24.18 -1.05
CA ARG C 71 14.54 -23.90 -0.48
C ARG C 71 15.38 -23.05 -1.43
N GLN C 72 15.40 -23.40 -2.71
CA GLN C 72 16.22 -22.69 -3.68
C GLN C 72 15.58 -21.40 -4.19
N GLY C 73 14.29 -21.19 -3.94
CA GLY C 73 13.63 -19.98 -4.38
C GLY C 73 13.33 -19.92 -5.86
N THR C 74 13.51 -21.03 -6.59
CA THR C 74 13.28 -21.04 -8.03
C THR C 74 11.82 -21.19 -8.40
N LYS C 75 10.94 -21.52 -7.44
CA LYS C 75 9.52 -21.70 -7.71
C LYS C 75 8.71 -20.88 -6.73
N LYS C 76 7.54 -20.47 -7.18
CA LYS C 76 6.64 -19.63 -6.39
C LYS C 76 5.25 -20.24 -6.38
N GLU C 77 4.56 -20.11 -5.25
CA GLU C 77 3.16 -20.51 -5.13
C GLU C 77 2.39 -19.35 -4.50
N ASP C 78 1.57 -18.68 -5.30
CA ASP C 78 0.81 -17.52 -4.85
C ASP C 78 -0.64 -17.90 -4.63
N TYR C 79 -1.16 -17.59 -3.45
CA TYR C 79 -2.55 -17.85 -3.11
C TYR C 79 -3.18 -16.56 -2.62
N LYS C 80 -4.26 -16.14 -3.30
CA LYS C 80 -4.97 -14.91 -2.93
C LYS C 80 -6.10 -15.30 -2.00
N VAL C 81 -5.84 -15.23 -0.69
CA VAL C 81 -6.82 -15.63 0.31
C VAL C 81 -7.69 -14.42 0.64
N VAL C 82 -8.98 -14.54 0.36
CA VAL C 82 -9.97 -13.53 0.73
C VAL C 82 -10.92 -14.17 1.73
N VAL C 83 -11.68 -13.33 2.41
CA VAL C 83 -12.62 -13.77 3.45
C VAL C 83 -13.99 -13.20 3.12
N ILE C 84 -14.99 -14.07 3.02
CA ILE C 84 -16.37 -13.67 2.80
C ILE C 84 -17.06 -13.61 4.16
N PRO C 85 -17.62 -12.48 4.56
CA PRO C 85 -18.25 -12.40 5.89
C PRO C 85 -19.51 -13.23 5.94
N PRO C 86 -19.86 -13.75 7.11
CA PRO C 86 -21.14 -14.46 7.26
C PRO C 86 -22.30 -13.48 7.20
N PRO C 87 -23.50 -13.97 6.90
CA PRO C 87 -24.66 -13.07 6.87
C PRO C 87 -24.89 -12.42 8.22
N PRO C 88 -25.28 -11.14 8.24
CA PRO C 88 -25.47 -10.46 9.51
C PRO C 88 -26.60 -11.08 10.32
N ALA C 89 -26.46 -11.06 11.63
CA ALA C 89 -27.42 -11.62 12.57
C ALA C 89 -28.03 -10.51 13.42
N THR C 90 -29.33 -10.62 13.65
CA THR C 90 -30.05 -9.64 14.47
C THR C 90 -30.00 -10.08 15.93
N VAL C 91 -29.46 -9.23 16.79
CA VAL C 91 -29.33 -9.55 18.20
C VAL C 91 -30.70 -9.49 18.86
N LYS C 92 -31.04 -10.52 19.63
CA LYS C 92 -32.32 -10.54 20.32
C LYS C 92 -32.32 -9.50 21.45
N PRO C 93 -33.39 -8.73 21.58
CA PRO C 93 -33.43 -7.71 22.64
C PRO C 93 -33.43 -8.31 24.03
N GLN C 94 -32.86 -7.57 24.97
CA GLN C 94 -32.84 -7.99 26.35
C GLN C 94 -34.24 -7.96 26.95
N PRO C 95 -34.48 -8.70 28.03
CA PRO C 95 -35.81 -8.72 28.64
C PRO C 95 -36.26 -7.32 29.05
N GLU C 96 -37.55 -7.05 28.86
CA GLU C 96 -38.10 -5.74 29.14
C GLU C 96 -38.10 -5.48 30.65
N PRO C 97 -37.78 -4.25 31.08
CA PRO C 97 -37.78 -3.94 32.52
C PRO C 97 -39.16 -4.13 33.11
N GLU C 98 -39.20 -4.54 34.38
CA GLU C 98 -40.46 -4.76 35.07
C GLU C 98 -40.48 -3.98 36.38
N TYR C 99 -41.68 -3.62 36.82
CA TYR C 99 -41.88 -2.76 37.97
C TYR C 99 -42.26 -3.58 39.19
N VAL C 100 -41.66 -3.24 40.33
CA VAL C 100 -41.94 -3.88 41.61
C VAL C 100 -42.24 -2.79 42.62
N PHE C 101 -43.30 -2.98 43.40
CA PHE C 101 -43.70 -2.05 44.45
C PHE C 101 -43.45 -2.70 45.80
N VAL C 102 -42.72 -2.00 46.67
CA VAL C 102 -42.34 -2.53 47.98
C VAL C 102 -42.87 -1.58 49.05
N TYR C 103 -43.48 -2.13 50.08
CA TYR C 103 -43.99 -1.34 51.20
C TYR C 103 -42.88 -1.07 52.20
N MET C 104 -43.14 -0.10 53.08
CA MET C 104 -42.16 0.29 54.09
C MET C 104 -41.98 -0.84 55.11
N GLY C 105 -40.72 -1.08 55.48
CA GLY C 105 -40.40 -2.08 56.48
C GLY C 105 -40.41 -3.51 56.00
N GLU C 106 -40.42 -3.73 54.70
CA GLU C 106 -40.46 -5.08 54.13
C GLU C 106 -39.14 -5.40 53.44
N ASN C 107 -38.79 -6.69 53.44
CA ASN C 107 -37.62 -7.20 52.75
C ASN C 107 -38.07 -7.77 51.41
N LYS C 108 -37.50 -7.27 50.32
CA LYS C 108 -37.92 -7.66 48.98
C LYS C 108 -36.80 -8.41 48.27
N THR C 109 -37.14 -9.56 47.70
CA THR C 109 -36.18 -10.39 46.99
C THR C 109 -36.38 -10.26 45.49
N LEU C 110 -35.30 -9.95 44.77
CA LEU C 110 -35.32 -9.81 43.32
C LEU C 110 -34.43 -10.88 42.71
N GLU C 111 -34.95 -11.58 41.71
CA GLU C 111 -34.25 -12.70 41.09
C GLU C 111 -33.34 -12.19 39.98
N GLY C 112 -32.08 -12.63 40.00
CA GLY C 112 -31.13 -12.27 38.98
C GLY C 112 -31.20 -13.20 37.79
N PRO C 113 -30.43 -12.90 36.74
CA PRO C 113 -30.42 -13.77 35.58
C PRO C 113 -29.78 -15.10 35.90
N PRO C 114 -30.17 -16.17 35.21
CA PRO C 114 -29.56 -17.48 35.48
C PRO C 114 -28.06 -17.47 35.21
N GLY C 115 -27.32 -18.18 36.05
CA GLY C 115 -25.88 -18.23 35.94
C GLY C 115 -25.16 -17.40 36.97
N THR C 116 -24.68 -18.04 38.03
CA THR C 116 -23.98 -17.33 39.08
C THR C 116 -22.58 -16.91 38.60
N PRO C 117 -22.05 -15.80 39.13
CA PRO C 117 -22.65 -14.87 40.09
C PRO C 117 -23.53 -13.83 39.41
N VAL C 118 -24.35 -13.12 40.18
CA VAL C 118 -25.20 -12.06 39.65
C VAL C 118 -24.67 -10.72 40.16
N THR C 119 -24.40 -9.80 39.25
CA THR C 119 -23.88 -8.48 39.59
C THR C 119 -25.01 -7.47 39.48
N TRP C 120 -25.20 -6.69 40.54
CA TRP C 120 -26.32 -5.76 40.66
C TRP C 120 -25.81 -4.33 40.69
N PHE C 121 -26.29 -3.51 39.75
CA PHE C 121 -25.99 -2.10 39.66
C PHE C 121 -27.28 -1.30 39.80
N ASN C 122 -27.13 0.01 40.00
CA ASN C 122 -28.26 0.92 40.12
C ASN C 122 -28.18 1.98 39.03
N GLN C 123 -29.25 2.78 38.93
CA GLN C 123 -29.35 3.79 37.89
C GLN C 123 -28.36 4.92 38.11
N ASP C 124 -28.03 5.23 39.36
CA ASP C 124 -27.15 6.35 39.66
C ASP C 124 -25.67 6.04 39.42
N GLY C 125 -25.35 4.82 39.00
CA GLY C 125 -23.98 4.47 38.71
C GLY C 125 -23.17 4.11 39.93
N LYS C 126 -23.58 3.05 40.63
CA LYS C 126 -22.83 2.50 41.76
C LYS C 126 -22.90 0.99 41.70
N LYS C 127 -21.91 0.34 42.33
CA LYS C 127 -21.81 -1.12 42.31
C LYS C 127 -22.46 -1.64 43.58
N PHE C 128 -23.75 -1.94 43.49
CA PHE C 128 -24.49 -2.40 44.67
C PHE C 128 -24.04 -3.78 45.11
N CYS C 129 -23.89 -4.72 44.17
CA CYS C 129 -23.55 -6.08 44.55
C CYS C 129 -22.65 -6.72 43.49
N GLU C 130 -21.61 -7.42 43.96
CA GLU C 130 -20.72 -8.19 43.12
C GLU C 130 -20.63 -9.59 43.74
N GLY C 131 -21.54 -10.47 43.33
CA GLY C 131 -21.57 -11.80 43.90
C GLY C 131 -22.10 -11.80 45.32
N GLU C 132 -21.57 -12.72 46.14
CA GLU C 132 -21.99 -12.79 47.53
C GLU C 132 -21.57 -11.53 48.30
N LYS C 133 -20.39 -11.00 48.01
CA LYS C 133 -19.92 -9.81 48.69
C LYS C 133 -20.83 -8.63 48.39
N VAL C 134 -21.13 -7.83 49.41
CA VAL C 134 -22.05 -6.71 49.31
C VAL C 134 -21.26 -5.42 49.52
N LEU C 135 -21.38 -4.51 48.57
CA LEU C 135 -20.75 -3.19 48.66
C LEU C 135 -21.79 -2.16 49.09
N HIS C 136 -21.28 -0.99 49.51
CA HIS C 136 -22.10 0.10 50.00
C HIS C 136 -23.02 -0.38 51.13
N PRO C 137 -22.48 -0.68 52.30
CA PRO C 137 -23.31 -1.23 53.38
C PRO C 137 -24.35 -0.25 53.92
N GLU C 138 -24.22 1.04 53.61
CA GLU C 138 -25.16 2.03 54.14
C GLU C 138 -26.58 1.80 53.61
N PHE C 139 -26.71 1.17 52.46
CA PHE C 139 -28.02 0.95 51.85
C PHE C 139 -28.77 -0.23 52.46
N ASN C 140 -28.12 -1.03 53.30
CA ASN C 140 -28.77 -2.12 54.05
C ASN C 140 -29.42 -3.12 53.10
N HIS C 141 -28.59 -3.79 52.30
CA HIS C 141 -29.04 -4.82 51.38
C HIS C 141 -28.07 -5.99 51.43
N THR C 142 -28.55 -7.15 51.00
CA THR C 142 -27.75 -8.36 50.97
C THR C 142 -27.89 -9.03 49.61
N CYS C 143 -26.90 -9.87 49.28
CA CYS C 143 -26.85 -10.50 47.96
C CYS C 143 -26.20 -11.86 48.08
N ASP C 144 -26.90 -12.89 47.63
CA ASP C 144 -26.34 -14.22 47.45
C ASP C 144 -25.92 -14.37 45.98
N LYS C 145 -25.58 -15.60 45.59
CA LYS C 145 -25.12 -15.84 44.23
C LYS C 145 -26.23 -15.74 43.19
N GLN C 146 -27.50 -15.64 43.61
CA GLN C 146 -28.61 -15.68 42.67
C GLN C 146 -29.52 -14.46 42.74
N ASN C 147 -29.80 -13.94 43.94
CA ASN C 147 -30.82 -12.91 44.11
C ASN C 147 -30.22 -11.72 44.84
N LEU C 148 -31.04 -10.68 44.99
CA LEU C 148 -30.71 -9.49 45.78
C LEU C 148 -31.87 -9.19 46.71
N ILE C 149 -31.59 -9.08 48.00
CA ILE C 149 -32.63 -8.86 49.01
C ILE C 149 -32.42 -7.49 49.63
N LEU C 150 -33.43 -6.64 49.50
CA LEU C 150 -33.45 -5.33 50.14
C LEU C 150 -34.09 -5.48 51.52
N LEU C 151 -33.37 -5.05 52.55
CA LEU C 151 -33.81 -5.12 53.93
C LEU C 151 -34.17 -3.73 54.42
N PHE C 152 -35.36 -3.60 55.00
CA PHE C 152 -35.85 -2.31 55.52
C PHE C 152 -35.81 -1.24 54.43
N VAL C 153 -36.65 -1.48 53.41
CA VAL C 153 -36.66 -0.64 52.23
C VAL C 153 -36.92 0.81 52.61
N ASN C 154 -36.08 1.71 52.13
CA ASN C 154 -36.14 3.13 52.42
C ASN C 154 -37.25 3.80 51.61
N PHE C 155 -37.33 5.12 51.75
CA PHE C 155 -38.01 5.94 50.76
C PHE C 155 -37.11 6.26 49.58
N THR C 156 -35.80 6.21 49.76
CA THR C 156 -34.84 6.47 48.69
C THR C 156 -34.42 5.21 47.96
N HIS C 157 -34.91 4.04 48.36
CA HIS C 157 -34.62 2.80 47.63
C HIS C 157 -35.29 2.77 46.26
N ASP C 158 -36.22 3.68 45.99
CA ASP C 158 -36.84 3.76 44.67
C ASP C 158 -35.79 4.03 43.61
N GLY C 159 -35.85 3.28 42.53
CA GLY C 159 -34.91 3.46 41.44
C GLY C 159 -34.79 2.21 40.60
N ALA C 160 -33.86 2.28 39.65
CA ALA C 160 -33.63 1.20 38.71
C ALA C 160 -32.52 0.28 39.20
N TYR C 161 -32.70 -1.02 38.98
CA TYR C 161 -31.72 -2.03 39.33
C TYR C 161 -31.44 -2.89 38.11
N LEU C 162 -30.17 -3.20 37.87
CA LEU C 162 -29.74 -3.99 36.73
C LEU C 162 -28.97 -5.20 37.23
N GLY C 163 -29.34 -6.37 36.73
CA GLY C 163 -28.66 -7.60 37.09
C GLY C 163 -28.02 -8.29 35.90
N TYR C 164 -26.74 -8.61 36.02
CA TYR C 164 -25.96 -9.18 34.93
C TYR C 164 -25.28 -10.47 35.38
N ASN C 165 -24.96 -11.32 34.41
CA ASN C 165 -24.31 -12.60 34.66
C ASN C 165 -22.79 -12.41 34.71
N HIS C 166 -22.07 -13.52 34.84
CA HIS C 166 -20.61 -13.44 34.84
C HIS C 166 -20.07 -12.96 33.51
N GLN C 167 -20.62 -13.45 32.40
CA GLN C 167 -20.20 -13.02 31.08
C GLN C 167 -20.95 -11.80 30.58
N GLY C 168 -22.05 -11.42 31.23
CA GLY C 168 -22.78 -10.24 30.84
C GLY C 168 -23.64 -10.37 29.61
N THR C 169 -23.82 -11.60 29.09
CA THR C 169 -24.61 -11.77 27.88
C THR C 169 -26.08 -11.40 28.12
N GLN C 170 -26.64 -11.82 29.26
CA GLN C 170 -28.03 -11.55 29.58
C GLN C 170 -28.13 -10.39 30.57
N ARG C 171 -29.37 -9.97 30.81
CA ARG C 171 -29.62 -8.82 31.69
C ARG C 171 -31.04 -8.90 32.21
N THR C 172 -31.24 -8.46 33.45
CA THR C 172 -32.55 -8.25 34.01
C THR C 172 -32.66 -6.81 34.52
N HIS C 173 -33.82 -6.20 34.34
CA HIS C 173 -34.03 -4.80 34.66
C HIS C 173 -35.27 -4.65 35.53
N TYR C 174 -35.09 -4.14 36.74
CA TYR C 174 -36.17 -3.93 37.70
C TYR C 174 -36.29 -2.45 38.03
N GLU C 175 -37.50 -2.04 38.37
CA GLU C 175 -37.75 -0.67 38.83
C GLU C 175 -38.51 -0.77 40.15
N VAL C 176 -37.83 -0.46 41.25
CA VAL C 176 -38.38 -0.63 42.59
C VAL C 176 -38.95 0.71 43.06
N THR C 177 -40.22 0.69 43.45
CA THR C 177 -40.92 1.88 43.92
C THR C 177 -41.42 1.64 45.35
N VAL C 178 -41.12 2.58 46.24
CA VAL C 178 -41.51 2.48 47.64
C VAL C 178 -42.91 3.06 47.80
N LEU C 179 -43.79 2.31 48.46
CA LEU C 179 -45.15 2.74 48.74
C LEU C 179 -45.32 2.87 50.26
N ASP C 180 -45.83 4.01 50.69
CA ASP C 180 -46.04 4.27 52.11
C ASP C 180 -47.26 3.51 52.63
N ILE C 244 -27.87 12.29 31.09
CA ILE C 244 -27.54 13.27 30.07
C ILE C 244 -27.75 12.67 28.68
N GLU C 245 -28.91 12.93 28.09
CA GLU C 245 -29.23 12.38 26.78
C GLU C 245 -28.43 13.09 25.69
N ALA C 246 -27.95 12.31 24.73
CA ALA C 246 -27.25 12.88 23.58
C ALA C 246 -28.21 13.67 22.70
N MET C 247 -27.72 14.77 22.15
CA MET C 247 -28.53 15.66 21.32
C MET C 247 -28.18 15.46 19.86
N LEU C 248 -29.18 15.17 19.04
CA LEU C 248 -29.00 15.00 17.60
C LEU C 248 -29.25 16.33 16.90
N VAL C 249 -28.24 16.85 16.22
CA VAL C 249 -28.32 18.14 15.56
C VAL C 249 -28.06 17.96 14.07
N THR C 250 -28.97 18.46 13.25
CA THR C 250 -28.83 18.46 11.81
C THR C 250 -28.43 19.86 11.34
N VAL C 251 -27.34 19.93 10.58
CA VAL C 251 -26.75 21.20 10.17
C VAL C 251 -26.74 21.27 8.64
N THR C 252 -27.13 22.43 8.12
CA THR C 252 -27.04 22.67 6.68
C THR C 252 -25.57 22.84 6.28
N ALA C 253 -25.22 22.27 5.13
CA ALA C 253 -23.83 22.35 4.66
C ALA C 253 -23.45 23.79 4.36
N GLY C 254 -22.21 24.14 4.69
CA GLY C 254 -21.71 25.48 4.43
C GLY C 254 -22.20 26.54 5.40
N SER C 255 -22.68 26.16 6.57
CA SER C 255 -23.19 27.09 7.56
C SER C 255 -22.35 26.99 8.84
N ASN C 256 -22.78 27.70 9.87
CA ASN C 256 -22.11 27.72 11.17
C ASN C 256 -23.02 27.06 12.20
N LEU C 257 -22.44 26.17 13.00
CA LEU C 257 -23.17 25.42 14.02
C LEU C 257 -22.61 25.75 15.40
N THR C 258 -23.49 26.01 16.35
CA THR C 258 -23.10 26.35 17.71
C THR C 258 -23.50 25.22 18.66
N LEU C 259 -22.53 24.73 19.42
CA LEU C 259 -22.74 23.67 20.40
C LEU C 259 -22.40 24.20 21.78
N VAL C 260 -23.33 24.04 22.72
CA VAL C 260 -23.15 24.51 24.09
C VAL C 260 -22.48 23.42 24.91
N GLY C 261 -21.41 23.78 25.60
CA GLY C 261 -20.68 22.83 26.41
C GLY C 261 -21.13 22.83 27.86
N PRO C 262 -20.24 22.42 28.77
CA PRO C 262 -20.60 22.38 30.19
C PRO C 262 -20.77 23.75 30.81
N LYS C 263 -21.00 23.78 32.13
CA LYS C 263 -21.22 25.03 32.84
C LYS C 263 -19.98 25.92 32.76
N ALA C 264 -20.14 27.15 33.23
CA ALA C 264 -19.10 28.18 33.16
C ALA C 264 -18.02 28.00 34.22
N GLU C 265 -17.96 26.85 34.89
CA GLU C 265 -16.98 26.58 35.94
C GLU C 265 -16.09 25.44 35.48
N GLY C 266 -15.00 25.76 34.79
CA GLY C 266 -14.03 24.78 34.37
C GLY C 266 -13.77 24.77 32.87
N LYS C 267 -12.55 24.37 32.51
CA LYS C 267 -12.18 24.27 31.10
C LYS C 267 -12.88 23.08 30.45
N VAL C 268 -13.17 23.21 29.17
CA VAL C 268 -13.91 22.21 28.40
C VAL C 268 -12.94 21.49 27.45
N THR C 269 -13.03 20.17 27.41
CA THR C 269 -12.24 19.35 26.51
C THR C 269 -13.18 18.60 25.57
N TRP C 270 -12.85 18.60 24.28
CA TRP C 270 -13.69 17.99 23.26
C TRP C 270 -13.00 16.79 22.64
N PHE C 271 -13.79 15.77 22.33
CA PHE C 271 -13.30 14.58 21.64
C PHE C 271 -14.32 14.19 20.57
N ASP C 272 -13.86 13.40 19.60
CA ASP C 272 -14.71 12.96 18.50
C ASP C 272 -14.60 11.45 18.33
N GLY C 273 -15.37 10.91 17.39
CA GLY C 273 -15.27 9.50 17.08
C GLY C 273 -13.91 9.11 16.52
N ASP C 274 -13.28 10.02 15.77
CA ASP C 274 -11.94 9.79 15.26
C ASP C 274 -10.88 9.82 16.35
N LEU C 275 -11.25 10.23 17.56
CA LEU C 275 -10.37 10.23 18.74
C LEU C 275 -9.23 11.24 18.60
N LYS C 276 -9.50 12.37 17.96
CA LYS C 276 -8.58 13.50 17.91
C LYS C 276 -9.32 14.74 18.38
N ARG C 277 -8.72 15.48 19.29
CA ARG C 277 -9.38 16.66 19.86
C ARG C 277 -9.57 17.71 18.79
N PRO C 278 -10.81 18.15 18.52
CA PRO C 278 -11.01 19.16 17.48
C PRO C 278 -10.31 20.48 17.75
N CYS C 279 -10.19 20.87 19.02
CA CYS C 279 -9.64 22.17 19.37
C CYS C 279 -8.12 22.23 19.24
N GLU C 280 -7.44 21.10 19.08
CA GLU C 280 -6.00 21.11 18.93
C GLU C 280 -5.61 21.76 17.60
N PRO C 281 -4.46 22.42 17.54
CA PRO C 281 -4.03 23.05 16.29
C PRO C 281 -3.74 22.02 15.21
N ASN C 282 -3.69 22.53 13.97
CA ASN C 282 -3.43 21.72 12.78
C ASN C 282 -4.50 20.64 12.58
N TYR C 283 -5.71 20.90 13.06
CA TYR C 283 -6.81 19.96 12.85
C TYR C 283 -7.28 20.02 11.41
N ARG C 284 -7.70 18.85 10.89
CA ARG C 284 -8.09 18.74 9.50
C ARG C 284 -9.39 19.49 9.19
N LEU C 285 -10.16 19.87 10.20
CA LEU C 285 -11.41 20.58 10.01
C LEU C 285 -11.37 21.91 10.76
N ARG C 286 -11.90 22.95 10.13
CA ARG C 286 -11.93 24.27 10.75
C ARG C 286 -12.91 24.28 11.93
N HIS C 287 -12.56 25.06 12.95
CA HIS C 287 -13.30 25.06 14.20
C HIS C 287 -13.01 26.36 14.94
N GLU C 288 -13.84 26.62 15.96
CA GLU C 288 -13.61 27.75 16.87
C GLU C 288 -14.00 27.30 18.26
N CYS C 289 -13.02 27.15 19.15
CA CYS C 289 -13.24 26.66 20.50
C CYS C 289 -13.05 27.79 21.50
N ASN C 290 -14.03 27.98 22.37
CA ASN C 290 -13.94 28.87 23.52
C ASN C 290 -14.17 28.06 24.79
N ASN C 291 -14.15 28.74 25.93
CA ASN C 291 -14.29 28.07 27.21
C ASN C 291 -15.68 27.50 27.45
N GLN C 292 -16.67 27.88 26.65
CA GLN C 292 -18.03 27.42 26.88
C GLN C 292 -18.69 26.80 25.66
N ASN C 293 -18.42 27.30 24.46
CA ASN C 293 -19.13 26.90 23.28
C ASN C 293 -18.17 26.49 22.16
N LEU C 294 -18.69 25.72 21.22
CA LEU C 294 -17.95 25.30 20.03
C LEU C 294 -18.67 25.80 18.80
N THR C 295 -17.90 26.35 17.85
CA THR C 295 -18.44 26.93 16.63
C THR C 295 -17.85 26.22 15.42
N LEU C 296 -18.71 25.78 14.51
CA LEU C 296 -18.31 25.15 13.27
C LEU C 296 -18.61 26.10 12.12
N ILE C 297 -17.58 26.36 11.30
CA ILE C 297 -17.65 27.32 10.20
C ILE C 297 -17.56 26.56 8.89
N ASN C 298 -18.50 26.81 7.98
CA ASN C 298 -18.56 26.19 6.67
C ASN C 298 -18.55 24.66 6.79
N VAL C 299 -19.64 24.17 7.41
CA VAL C 299 -19.77 22.74 7.67
C VAL C 299 -19.84 21.98 6.35
N THR C 300 -19.01 20.96 6.21
CA THR C 300 -18.98 20.10 5.04
C THR C 300 -19.49 18.70 5.41
N LYS C 301 -19.44 17.79 4.45
CA LYS C 301 -19.94 16.44 4.68
C LYS C 301 -19.11 15.68 5.70
N ASP C 302 -17.81 15.99 5.80
CA ASP C 302 -16.94 15.29 6.72
C ASP C 302 -17.21 15.59 8.19
N TYR C 303 -18.02 16.62 8.47
CA TYR C 303 -18.33 16.98 9.85
C TYR C 303 -19.32 16.03 10.52
N GLU C 304 -19.93 15.11 9.77
CA GLU C 304 -20.85 14.16 10.36
C GLU C 304 -20.13 13.26 11.37
N GLY C 305 -20.79 12.98 12.48
CA GLY C 305 -20.21 12.14 13.50
C GLY C 305 -20.77 12.51 14.86
N THR C 306 -19.96 12.26 15.89
CA THR C 306 -20.33 12.55 17.27
C THR C 306 -19.20 13.31 17.95
N TYR C 307 -19.57 14.33 18.72
CA TYR C 307 -18.61 15.14 19.48
C TYR C 307 -19.03 15.15 20.93
N TYR C 308 -18.11 14.79 21.81
CA TYR C 308 -18.35 14.74 23.25
C TYR C 308 -17.51 15.81 23.93
N GLY C 309 -18.17 16.71 24.65
CA GLY C 309 -17.48 17.76 25.37
C GLY C 309 -17.67 17.63 26.87
N THR C 310 -16.57 17.55 27.61
CA THR C 310 -16.63 17.33 29.05
C THR C 310 -15.57 18.17 29.74
N ASN C 311 -15.87 18.58 30.97
CA ASN C 311 -14.97 19.37 31.78
C ASN C 311 -14.30 18.48 32.83
N ASP C 312 -13.55 19.11 33.74
CA ASP C 312 -12.88 18.38 34.80
C ASP C 312 -13.80 18.02 35.96
N LYS C 313 -15.04 18.54 35.97
CA LYS C 313 -15.99 18.27 37.04
C LYS C 313 -16.92 17.11 36.71
N ASP C 314 -16.47 16.17 35.87
CA ASP C 314 -17.23 14.96 35.53
C ASP C 314 -18.60 15.31 34.96
N GLU C 315 -18.65 16.35 34.13
CA GLU C 315 -19.87 16.76 33.44
C GLU C 315 -19.58 16.83 31.95
N GLY C 316 -20.37 16.11 31.16
CA GLY C 316 -20.13 16.07 29.73
C GLY C 316 -21.42 15.89 28.96
N LYS C 317 -21.39 16.32 27.69
CA LYS C 317 -22.53 16.22 26.81
C LYS C 317 -22.08 15.73 25.43
N ARG C 318 -22.94 14.96 24.79
CA ARG C 318 -22.67 14.37 23.48
C ARG C 318 -23.62 14.94 22.45
N TYR C 319 -23.07 15.41 21.33
CA TYR C 319 -23.84 15.94 20.22
C TYR C 319 -23.53 15.13 18.98
N ARG C 320 -24.57 14.54 18.38
CA ARG C 320 -24.45 13.81 17.12
C ARG C 320 -24.78 14.76 15.99
N VAL C 321 -23.77 15.17 15.23
CA VAL C 321 -23.91 16.15 14.17
C VAL C 321 -24.08 15.42 12.84
N LYS C 322 -25.18 15.70 12.16
CA LYS C 322 -25.46 15.14 10.84
C LYS C 322 -25.65 16.28 9.85
N VAL C 323 -24.99 16.17 8.70
CA VAL C 323 -25.03 17.23 7.69
C VAL C 323 -26.11 16.92 6.68
N ASN C 324 -27.00 17.88 6.45
CA ASN C 324 -28.09 17.72 5.49
C ASN C 324 -27.55 17.71 4.06
#